data_9B7D
#
_entry.id   9B7D
#
_cell.length_a   71.937
_cell.length_b   80.650
_cell.length_c   72.323
_cell.angle_alpha   90.000
_cell.angle_beta   99.840
_cell.angle_gamma   90.000
#
_symmetry.space_group_name_H-M   'P 1 21 1'
#
loop_
_entity.id
_entity.type
_entity.pdbx_description
1 polymer 'Putative cyclic ADP-D-ribose synthase ThsB1'
2 polymer Tad3
3 water water
#
loop_
_entity_poly.entity_id
_entity_poly.type
_entity_poly.pdbx_seq_one_letter_code
_entity_poly.pdbx_strand_id
1 'polypeptide(L)'
;SMAKRVFFSFHYQDVIDFRVNVVRNHWVTKLNQSAAGVFDASLWEDAKKTSDIALKRLINGGLNNTSVTCVLIGSQTFNR
RWVRYEIMKSIEKGNKIIGIHINAFKDKYGNIKSKGPNPFDYLGYQYSSDGKQLHLYEWTGGKWEEYKDLAPYRVNQIAP
ESLRGKFYSLSSVYRVYDWVADDGYNKFSSWVN
;
A,C
2 'polypeptide(L)'
;MNSITHAEFEFSLLENVKYETEDEVPIVLEYKEEIINLIKKFSNSGQSGMSAPITASIITNCIKNLMAFKPIGPLVGNEE
EWNYNSDDSFQNNRLSAVFKTGLNGKPYYLDAITFVGEEEYDTFHGHVEGISSRQYLKGFPFFPKTFYINVYKDFENKDE
NNLCSGDDGEYTYRIKYPEQLEEVFNYYDKFTKE
;
B,D
#
# COMPACT_ATOMS: atom_id res chain seq x y z
N LYS A 4 -12.04 -31.63 -7.44
CA LYS A 4 -12.34 -31.48 -6.02
C LYS A 4 -12.01 -30.07 -5.54
N ARG A 5 -12.16 -29.07 -6.40
CA ARG A 5 -11.96 -27.69 -6.03
C ARG A 5 -13.27 -26.93 -6.09
N VAL A 6 -13.55 -26.17 -5.03
CA VAL A 6 -14.78 -25.40 -4.90
C VAL A 6 -14.45 -23.92 -5.12
N PHE A 7 -15.37 -23.21 -5.77
CA PHE A 7 -15.31 -21.75 -5.84
C PHE A 7 -16.29 -21.21 -4.80
N PHE A 8 -15.76 -20.54 -3.78
CA PHE A 8 -16.60 -19.97 -2.73
C PHE A 8 -17.06 -18.60 -3.20
N SER A 9 -18.36 -18.45 -3.46
CA SER A 9 -18.94 -17.21 -3.92
C SER A 9 -19.69 -16.56 -2.76
N PHE A 10 -19.26 -15.36 -2.38
CA PHE A 10 -19.87 -14.68 -1.25
C PHE A 10 -19.59 -13.19 -1.39
N HIS A 11 -20.41 -12.38 -0.75
CA HIS A 11 -20.17 -10.96 -0.92
C HIS A 11 -19.23 -10.46 0.17
N TYR A 12 -18.45 -9.44 -0.20
CA TYR A 12 -17.36 -8.91 0.61
C TYR A 12 -17.93 -8.03 1.72
N GLN A 13 -17.84 -8.49 2.96
CA GLN A 13 -18.22 -7.71 4.12
C GLN A 13 -17.65 -8.41 5.35
N ASP A 14 -17.17 -7.63 6.33
CA ASP A 14 -16.48 -8.25 7.45
C ASP A 14 -17.37 -9.26 8.17
N VAL A 15 -18.65 -8.92 8.36
CA VAL A 15 -19.54 -9.83 9.06
C VAL A 15 -19.89 -11.06 8.25
N ILE A 16 -19.59 -11.08 6.95
CA ILE A 16 -19.78 -12.29 6.16
C ILE A 16 -18.49 -13.07 6.06
N ASP A 17 -17.36 -12.36 5.98
CA ASP A 17 -16.07 -13.01 5.79
C ASP A 17 -15.75 -13.95 6.95
N PHE A 18 -16.03 -13.53 8.20
CA PHE A 18 -15.70 -14.43 9.30
C PHE A 18 -16.59 -15.66 9.29
N ARG A 19 -17.84 -15.51 8.85
CA ARG A 19 -18.73 -16.67 8.76
C ARG A 19 -18.30 -17.61 7.66
N VAL A 20 -17.79 -17.06 6.55
CA VAL A 20 -17.24 -17.91 5.49
C VAL A 20 -16.06 -18.72 6.02
N ASN A 21 -15.23 -18.10 6.87
CA ASN A 21 -14.06 -18.79 7.38
C ASN A 21 -14.42 -19.94 8.31
N VAL A 22 -15.54 -19.86 9.02
CA VAL A 22 -16.04 -21.01 9.76
C VAL A 22 -16.31 -22.18 8.82
N VAL A 23 -16.91 -21.90 7.66
CA VAL A 23 -17.14 -22.96 6.68
C VAL A 23 -15.81 -23.50 6.16
N ARG A 24 -14.88 -22.60 5.80
CA ARG A 24 -13.58 -23.02 5.31
C ARG A 24 -12.84 -23.87 6.35
N ASN A 25 -13.04 -23.57 7.62
CA ASN A 25 -12.44 -24.36 8.69
C ASN A 25 -13.02 -25.78 8.76
N HIS A 26 -14.03 -26.09 7.94
CA HIS A 26 -14.57 -27.44 7.83
C HIS A 26 -14.30 -28.09 6.47
N TRP A 27 -13.68 -27.36 5.54
CA TRP A 27 -13.27 -27.90 4.26
C TRP A 27 -11.78 -28.23 4.32
N VAL A 28 -11.48 -29.21 5.18
CA VAL A 28 -10.14 -29.39 5.73
C VAL A 28 -9.36 -30.49 5.00
N THR A 29 -10.03 -31.57 4.63
CA THR A 29 -9.35 -32.80 4.25
C THR A 29 -8.42 -32.59 3.05
N LYS A 30 -7.52 -33.56 2.84
CA LYS A 30 -6.52 -33.47 1.79
C LYS A 30 -7.15 -33.45 0.40
N LEU A 31 -8.37 -33.97 0.24
CA LEU A 31 -9.08 -33.94 -1.03
C LEU A 31 -9.99 -32.73 -1.16
N ASN A 32 -9.73 -31.68 -0.39
CA ASN A 32 -10.51 -30.44 -0.43
C ASN A 32 -9.63 -29.31 -0.94
N GLN A 33 -10.09 -28.63 -1.99
CA GLN A 33 -9.43 -27.45 -2.51
C GLN A 33 -10.46 -26.35 -2.73
N SER A 34 -9.99 -25.11 -2.68
CA SER A 34 -10.84 -23.97 -2.99
C SER A 34 -10.03 -22.93 -3.75
N ALA A 35 -10.70 -22.22 -4.66
CA ALA A 35 -10.02 -21.19 -5.42
C ALA A 35 -9.61 -20.05 -4.51
N ALA A 36 -8.41 -19.51 -4.77
CA ALA A 36 -7.88 -18.40 -3.98
C ALA A 36 -7.23 -17.39 -4.92
N GLY A 37 -7.62 -16.13 -4.79
CA GLY A 37 -7.11 -15.10 -5.68
C GLY A 37 -5.69 -14.68 -5.34
N VAL A 38 -4.92 -14.37 -6.38
CA VAL A 38 -3.56 -13.84 -6.25
C VAL A 38 -3.48 -12.63 -7.18
N PHE A 39 -3.32 -11.44 -6.60
CA PHE A 39 -3.25 -10.23 -7.39
C PHE A 39 -2.50 -9.16 -6.60
N ASP A 40 -1.62 -8.43 -7.27
CA ASP A 40 -0.88 -7.34 -6.62
C ASP A 40 -0.60 -6.28 -7.70
N ALA A 41 -1.39 -5.21 -7.68
CA ALA A 41 -1.26 -4.16 -8.69
C ALA A 41 0.10 -3.48 -8.65
N SER A 42 0.83 -3.60 -7.53
CA SER A 42 2.13 -2.96 -7.44
C SER A 42 3.21 -3.69 -8.22
N LEU A 43 2.98 -4.94 -8.63
CA LEU A 43 3.97 -5.71 -9.36
C LEU A 43 3.81 -5.54 -10.86
N TRP A 44 4.85 -5.93 -11.60
CA TRP A 44 4.88 -5.73 -13.05
C TRP A 44 3.81 -6.55 -13.75
N GLU A 45 3.46 -7.72 -13.21
CA GLU A 45 2.50 -8.59 -13.88
C GLU A 45 1.09 -8.02 -13.85
N ASP A 46 0.75 -7.26 -12.82
CA ASP A 46 -0.60 -6.76 -12.63
C ASP A 46 -0.69 -5.25 -12.74
N ALA A 47 0.37 -4.57 -13.18
CA ALA A 47 0.40 -3.12 -13.20
C ALA A 47 -0.55 -2.52 -14.22
N LYS A 48 -0.93 -3.27 -15.25
CA LYS A 48 -1.83 -2.76 -16.29
C LYS A 48 -3.28 -3.23 -16.12
N LYS A 49 -3.58 -3.95 -15.05
CA LYS A 49 -4.93 -4.47 -14.81
C LYS A 49 -5.67 -3.47 -13.93
N THR A 50 -6.57 -2.69 -14.54
CA THR A 50 -7.14 -1.52 -13.88
C THR A 50 -8.66 -1.42 -13.91
N SER A 51 -9.37 -2.25 -14.67
CA SER A 51 -10.80 -2.06 -14.88
C SER A 51 -11.55 -3.36 -14.65
N ASP A 52 -12.86 -3.31 -14.89
CA ASP A 52 -13.73 -4.46 -14.61
C ASP A 52 -13.36 -5.68 -15.46
N ILE A 53 -12.75 -5.47 -16.63
CA ILE A 53 -12.39 -6.61 -17.47
C ILE A 53 -11.32 -7.46 -16.80
N ALA A 54 -10.40 -6.82 -16.07
CA ALA A 54 -9.38 -7.54 -15.34
C ALA A 54 -9.99 -8.33 -14.19
N LEU A 55 -11.03 -7.79 -13.56
CA LEU A 55 -11.74 -8.54 -12.54
C LEU A 55 -12.41 -9.75 -13.16
N LYS A 56 -13.06 -9.56 -14.30
CA LYS A 56 -13.75 -10.66 -14.96
C LYS A 56 -12.78 -11.74 -15.39
N ARG A 57 -11.60 -11.36 -15.88
CA ARG A 57 -10.65 -12.37 -16.36
C ARG A 57 -10.11 -13.20 -15.22
N LEU A 58 -9.84 -12.57 -14.07
CA LEU A 58 -9.30 -13.33 -12.94
C LEU A 58 -10.37 -14.25 -12.36
N ILE A 59 -11.60 -13.75 -12.21
CA ILE A 59 -12.70 -14.59 -11.74
C ILE A 59 -12.94 -15.75 -12.72
N ASN A 60 -13.02 -15.44 -14.02
CA ASN A 60 -13.20 -16.49 -15.02
C ASN A 60 -12.10 -17.54 -14.90
N GLY A 61 -10.85 -17.10 -14.79
CA GLY A 61 -9.74 -18.05 -14.70
C GLY A 61 -9.82 -18.90 -13.46
N GLY A 62 -10.15 -18.29 -12.32
CA GLY A 62 -10.31 -19.05 -11.09
C GLY A 62 -11.47 -20.02 -11.15
N LEU A 63 -12.59 -19.60 -11.74
CA LEU A 63 -13.75 -20.47 -11.88
C LEU A 63 -13.43 -21.68 -12.75
N ASN A 64 -12.65 -21.45 -13.82
CA ASN A 64 -12.40 -22.53 -14.77
C ASN A 64 -11.66 -23.71 -14.17
N ASN A 65 -10.98 -23.50 -13.04
CA ASN A 65 -10.27 -24.57 -12.35
C ASN A 65 -11.08 -25.16 -11.21
N THR A 66 -12.38 -24.94 -11.19
CA THR A 66 -13.27 -25.53 -10.19
C THR A 66 -14.37 -26.30 -10.90
N SER A 67 -15.05 -27.15 -10.13
CA SER A 67 -16.19 -27.89 -10.64
C SER A 67 -17.47 -27.65 -9.84
N VAL A 68 -17.37 -26.98 -8.69
CA VAL A 68 -18.53 -26.68 -7.85
C VAL A 68 -18.41 -25.23 -7.41
N THR A 69 -19.51 -24.50 -7.51
CA THR A 69 -19.59 -23.14 -6.97
C THR A 69 -20.52 -23.18 -5.77
N CYS A 70 -20.01 -22.74 -4.63
CA CYS A 70 -20.76 -22.76 -3.38
C CYS A 70 -21.02 -21.31 -3.00
N VAL A 71 -22.27 -20.89 -3.11
CA VAL A 71 -22.67 -19.53 -2.77
C VAL A 71 -23.02 -19.50 -1.28
N LEU A 72 -22.23 -18.75 -0.50
CA LEU A 72 -22.53 -18.57 0.92
C LEU A 72 -23.40 -17.33 1.07
N ILE A 73 -24.56 -17.49 1.73
CA ILE A 73 -25.62 -16.50 1.67
C ILE A 73 -25.70 -15.75 3.00
N GLY A 74 -25.55 -14.43 2.92
CA GLY A 74 -25.88 -13.53 4.00
C GLY A 74 -27.04 -12.63 3.66
N SER A 75 -27.22 -11.59 4.49
CA SER A 75 -28.43 -10.79 4.45
C SER A 75 -28.58 -10.04 3.12
N GLN A 76 -27.47 -9.57 2.56
CA GLN A 76 -27.50 -8.76 1.34
C GLN A 76 -26.81 -9.44 0.16
N THR A 77 -26.62 -10.76 0.22
CA THR A 77 -25.88 -11.45 -0.83
C THR A 77 -26.63 -11.42 -2.16
N PHE A 78 -27.97 -11.49 -2.11
CA PHE A 78 -28.77 -11.52 -3.33
C PHE A 78 -28.58 -10.30 -4.21
N ASN A 79 -28.12 -9.19 -3.64
CA ASN A 79 -28.09 -7.88 -4.29
C ASN A 79 -26.73 -7.51 -4.87
N ARG A 80 -25.70 -8.32 -4.69
CA ARG A 80 -24.32 -7.88 -4.89
C ARG A 80 -23.82 -8.22 -6.30
N ARG A 81 -23.23 -7.21 -6.96
CA ARG A 81 -22.95 -7.32 -8.39
C ARG A 81 -21.97 -8.46 -8.71
N TRP A 82 -20.87 -8.54 -7.97
CA TRP A 82 -19.87 -9.53 -8.34
C TRP A 82 -20.24 -10.94 -7.92
N VAL A 83 -21.11 -11.10 -6.92
CA VAL A 83 -21.64 -12.43 -6.63
C VAL A 83 -22.55 -12.89 -7.77
N ARG A 84 -23.40 -12.00 -8.27
CA ARG A 84 -24.25 -12.37 -9.40
C ARG A 84 -23.41 -12.79 -10.60
N TYR A 85 -22.31 -12.07 -10.84
CA TYR A 85 -21.44 -12.42 -11.96
C TYR A 85 -20.86 -13.82 -11.79
N GLU A 86 -20.34 -14.12 -10.60
CA GLU A 86 -19.78 -15.45 -10.36
C GLU A 86 -20.82 -16.55 -10.57
N ILE A 87 -22.07 -16.31 -10.15
CA ILE A 87 -23.13 -17.29 -10.35
C ILE A 87 -23.45 -17.45 -11.84
N MET A 88 -23.66 -16.33 -12.53
CA MET A 88 -23.98 -16.39 -13.96
C MET A 88 -22.86 -17.06 -14.75
N LYS A 89 -21.60 -16.75 -14.42
CA LYS A 89 -20.50 -17.38 -15.13
C LYS A 89 -20.40 -18.85 -14.79
N SER A 90 -20.74 -19.23 -13.55
CA SER A 90 -20.74 -20.64 -13.18
C SER A 90 -21.73 -21.42 -14.02
N ILE A 91 -22.90 -20.82 -14.30
CA ILE A 91 -23.89 -21.47 -15.15
C ILE A 91 -23.33 -21.69 -16.55
N GLU A 92 -22.74 -20.65 -17.14
CA GLU A 92 -22.18 -20.77 -18.48
C GLU A 92 -21.11 -21.85 -18.55
N LYS A 93 -20.32 -22.02 -17.48
CA LYS A 93 -19.28 -23.03 -17.49
C LYS A 93 -19.78 -24.42 -17.09
N GLY A 94 -21.05 -24.55 -16.69
CA GLY A 94 -21.58 -25.84 -16.31
C GLY A 94 -21.19 -26.34 -14.94
N ASN A 95 -20.82 -25.45 -14.02
CA ASN A 95 -20.49 -25.87 -12.66
C ASN A 95 -21.74 -26.37 -11.94
N LYS A 96 -21.54 -27.34 -11.05
CA LYS A 96 -22.53 -27.58 -10.02
C LYS A 96 -22.58 -26.35 -9.12
N ILE A 97 -23.79 -25.89 -8.79
CA ILE A 97 -23.94 -24.71 -7.95
C ILE A 97 -24.88 -25.05 -6.80
N ILE A 98 -24.49 -24.65 -5.59
CA ILE A 98 -25.35 -24.74 -4.42
C ILE A 98 -25.26 -23.42 -3.67
N GLY A 99 -26.25 -23.19 -2.81
CA GLY A 99 -26.24 -22.06 -1.91
C GLY A 99 -26.38 -22.56 -0.49
N ILE A 100 -25.78 -21.84 0.45
CA ILE A 100 -25.83 -22.22 1.87
C ILE A 100 -26.04 -20.96 2.69
N HIS A 101 -27.09 -20.95 3.50
CA HIS A 101 -27.33 -19.87 4.45
C HIS A 101 -26.37 -20.00 5.63
N ILE A 102 -25.56 -18.97 5.86
CA ILE A 102 -24.60 -18.99 6.95
C ILE A 102 -24.83 -17.84 7.95
N ASN A 103 -26.06 -17.29 7.98
CA ASN A 103 -26.33 -16.12 8.79
C ASN A 103 -26.31 -16.39 10.28
N ALA A 104 -26.44 -17.64 10.70
CA ALA A 104 -26.68 -17.96 12.11
C ALA A 104 -25.42 -18.18 12.91
N PHE A 105 -24.23 -18.14 12.30
CA PHE A 105 -23.00 -18.21 13.08
C PHE A 105 -22.90 -16.98 13.97
N LYS A 106 -22.70 -17.20 15.27
CA LYS A 106 -22.65 -16.10 16.22
C LYS A 106 -21.26 -15.44 16.20
N ASP A 107 -21.23 -14.12 16.39
CA ASP A 107 -19.97 -13.43 16.62
C ASP A 107 -19.67 -13.46 18.12
N LYS A 108 -18.64 -12.72 18.56
CA LYS A 108 -18.21 -12.85 19.95
C LYS A 108 -19.28 -12.38 20.93
N TYR A 109 -20.18 -11.50 20.51
CA TYR A 109 -21.27 -11.01 21.35
C TYR A 109 -22.55 -11.81 21.22
N GLY A 110 -22.56 -12.86 20.41
CA GLY A 110 -23.77 -13.60 20.14
C GLY A 110 -24.63 -13.03 19.01
N ASN A 111 -24.14 -12.04 18.30
CA ASN A 111 -24.88 -11.46 17.19
C ASN A 111 -24.97 -12.43 16.02
N ILE A 112 -26.14 -12.49 15.40
CA ILE A 112 -26.29 -13.19 14.13
C ILE A 112 -26.87 -12.21 13.12
N LYS A 113 -27.17 -12.67 11.92
CA LYS A 113 -27.80 -11.84 10.90
C LYS A 113 -29.13 -12.45 10.48
N SER A 114 -30.04 -11.60 10.03
CA SER A 114 -31.29 -12.11 9.49
C SER A 114 -31.00 -12.93 8.24
N LYS A 115 -31.85 -13.92 7.98
CA LYS A 115 -31.70 -14.75 6.80
C LYS A 115 -31.88 -13.91 5.54
N GLY A 116 -30.94 -14.05 4.60
CA GLY A 116 -30.98 -13.31 3.37
C GLY A 116 -31.89 -13.95 2.36
N PRO A 117 -32.40 -13.16 1.42
CA PRO A 117 -33.16 -13.73 0.30
C PRO A 117 -32.29 -14.68 -0.51
N ASN A 118 -32.95 -15.61 -1.20
CA ASN A 118 -32.27 -16.58 -2.05
C ASN A 118 -31.72 -15.87 -3.29
N PRO A 119 -30.40 -15.80 -3.47
CA PRO A 119 -29.88 -15.10 -4.66
C PRO A 119 -30.35 -15.72 -5.96
N PHE A 120 -30.67 -17.01 -5.98
CA PHE A 120 -31.18 -17.64 -7.18
C PHE A 120 -32.58 -17.16 -7.55
N ASP A 121 -33.28 -16.49 -6.63
CA ASP A 121 -34.59 -15.90 -6.93
C ASP A 121 -34.48 -14.64 -7.78
N TYR A 122 -33.30 -14.02 -7.83
CA TYR A 122 -33.11 -12.72 -8.47
C TYR A 122 -32.38 -12.82 -9.80
N LEU A 123 -32.23 -14.03 -10.33
CA LEU A 123 -31.55 -14.26 -11.59
C LEU A 123 -32.38 -15.24 -12.40
N GLY A 124 -32.29 -15.12 -13.73
CA GLY A 124 -33.09 -15.97 -14.57
C GLY A 124 -32.58 -15.97 -16.00
N TYR A 125 -33.27 -16.74 -16.84
CA TYR A 125 -32.86 -16.89 -18.23
C TYR A 125 -34.09 -17.09 -19.09
N GLN A 126 -33.88 -17.01 -20.41
CA GLN A 126 -34.93 -17.29 -21.38
C GLN A 126 -34.27 -17.72 -22.68
N TYR A 127 -34.75 -18.83 -23.24
CA TYR A 127 -34.20 -19.33 -24.48
C TYR A 127 -34.69 -18.50 -25.66
N SER A 128 -33.83 -18.35 -26.67
CA SER A 128 -34.20 -17.64 -27.88
C SER A 128 -35.29 -18.41 -28.64
N SER A 129 -35.88 -17.72 -29.62
CA SER A 129 -37.00 -18.30 -30.36
C SER A 129 -36.58 -19.54 -31.15
N ASP A 130 -35.35 -19.56 -31.65
CA ASP A 130 -34.82 -20.73 -32.34
C ASP A 130 -34.17 -21.73 -31.38
N GLY A 131 -34.13 -21.42 -30.08
CA GLY A 131 -33.64 -22.35 -29.08
C GLY A 131 -32.15 -22.54 -28.99
N LYS A 132 -31.36 -21.76 -29.75
CA LYS A 132 -29.92 -21.94 -29.79
C LYS A 132 -29.16 -20.96 -28.91
N GLN A 133 -29.83 -20.00 -28.29
CA GLN A 133 -29.16 -18.97 -27.51
C GLN A 133 -29.86 -18.78 -26.17
N LEU A 134 -29.05 -18.55 -25.13
CA LEU A 134 -29.56 -18.34 -23.78
C LEU A 134 -29.40 -16.86 -23.44
N HIS A 135 -30.52 -16.20 -23.14
CA HIS A 135 -30.52 -14.81 -22.71
C HIS A 135 -30.66 -14.76 -21.19
N LEU A 136 -29.88 -13.89 -20.55
CA LEU A 136 -29.82 -13.84 -19.10
C LEU A 136 -30.48 -12.57 -18.57
N TYR A 137 -31.10 -12.69 -17.40
CA TYR A 137 -31.83 -11.58 -16.78
C TYR A 137 -31.52 -11.54 -15.29
N GLU A 138 -31.69 -10.35 -14.70
CA GLU A 138 -31.52 -10.15 -13.27
C GLU A 138 -32.59 -9.21 -12.75
N TRP A 139 -32.95 -9.38 -11.48
CA TRP A 139 -33.89 -8.50 -10.81
C TRP A 139 -33.13 -7.29 -10.25
N THR A 140 -33.48 -6.10 -10.75
CA THR A 140 -32.80 -4.87 -10.37
C THR A 140 -33.57 -4.06 -9.34
N GLY A 141 -34.53 -4.67 -8.66
CA GLY A 141 -35.28 -3.98 -7.62
C GLY A 141 -36.77 -3.95 -7.85
N GLY A 142 -37.19 -3.69 -9.10
CA GLY A 142 -38.60 -3.60 -9.39
C GLY A 142 -39.03 -4.31 -10.67
N LYS A 143 -38.07 -4.76 -11.47
CA LYS A 143 -38.40 -5.39 -12.74
C LYS A 143 -37.27 -6.33 -13.13
N TRP A 144 -37.57 -7.23 -14.06
CA TRP A 144 -36.55 -8.06 -14.68
C TRP A 144 -35.91 -7.30 -15.82
N GLU A 145 -34.58 -7.25 -15.82
CA GLU A 145 -33.82 -6.54 -16.85
C GLU A 145 -32.78 -7.48 -17.44
N GLU A 146 -32.48 -7.27 -18.72
CA GLU A 146 -31.41 -8.02 -19.37
C GLU A 146 -30.12 -7.88 -18.58
N TYR A 147 -29.44 -9.01 -18.39
CA TYR A 147 -28.22 -9.05 -17.59
C TYR A 147 -27.07 -8.47 -18.40
N LYS A 148 -26.49 -7.36 -17.93
CA LYS A 148 -25.47 -6.67 -18.69
C LYS A 148 -24.09 -7.29 -18.53
N ASP A 149 -23.78 -7.83 -17.35
CA ASP A 149 -22.42 -8.27 -17.04
C ASP A 149 -22.00 -9.51 -17.81
N LEU A 150 -22.92 -10.22 -18.46
CA LEU A 150 -22.59 -11.42 -19.22
C LEU A 150 -23.51 -11.50 -20.44
N ALA A 151 -22.92 -11.50 -21.63
CA ALA A 151 -23.69 -11.46 -22.85
C ALA A 151 -24.33 -12.82 -23.15
N PRO A 152 -25.40 -12.86 -23.94
CA PRO A 152 -25.98 -14.14 -24.33
C PRO A 152 -24.97 -15.02 -25.05
N TYR A 153 -25.08 -16.33 -24.82
CA TYR A 153 -24.18 -17.30 -25.41
C TYR A 153 -24.97 -18.44 -26.02
N ARG A 154 -24.29 -19.21 -26.88
CA ARG A 154 -24.92 -20.34 -27.56
C ARG A 154 -24.81 -21.60 -26.72
N VAL A 155 -25.84 -22.44 -26.78
CA VAL A 155 -25.90 -23.68 -26.03
C VAL A 155 -25.93 -24.85 -27.00
N ASN A 156 -25.57 -26.03 -26.49
CA ASN A 156 -25.53 -27.23 -27.31
C ASN A 156 -26.87 -27.95 -27.37
N GLN A 157 -27.60 -28.02 -26.25
CA GLN A 157 -28.95 -28.55 -26.27
C GLN A 157 -29.88 -27.58 -26.98
N ILE A 158 -30.33 -27.94 -28.18
CA ILE A 158 -31.03 -27.03 -29.08
C ILE A 158 -32.33 -26.51 -28.48
N ALA A 159 -32.78 -27.05 -27.34
CA ALA A 159 -33.92 -26.59 -26.56
C ALA A 159 -35.24 -26.77 -27.30
N PRO A 160 -36.20 -27.47 -26.71
CA PRO A 160 -37.48 -27.72 -27.39
C PRO A 160 -38.38 -26.49 -27.35
N GLU A 161 -39.43 -26.55 -28.17
CA GLU A 161 -40.35 -25.42 -28.28
C GLU A 161 -41.06 -25.14 -26.96
N SER A 162 -41.25 -26.16 -26.12
CA SER A 162 -41.96 -25.95 -24.87
C SER A 162 -41.19 -25.04 -23.91
N LEU A 163 -39.89 -24.82 -24.16
CA LEU A 163 -39.08 -23.97 -23.30
C LEU A 163 -38.65 -22.66 -23.95
N ARG A 164 -38.85 -22.51 -25.26
CA ARG A 164 -38.42 -21.31 -25.95
C ARG A 164 -39.35 -20.13 -25.65
N GLY A 165 -38.76 -18.98 -25.38
CA GLY A 165 -39.53 -17.79 -25.08
C GLY A 165 -40.18 -17.79 -23.71
N LYS A 166 -39.74 -18.65 -22.81
CA LYS A 166 -40.30 -18.74 -21.46
C LYS A 166 -39.23 -18.38 -20.46
N PHE A 167 -39.56 -17.45 -19.56
CA PHE A 167 -38.60 -17.02 -18.54
C PHE A 167 -38.61 -17.99 -17.37
N TYR A 168 -37.41 -18.30 -16.87
CA TYR A 168 -37.24 -19.18 -15.72
C TYR A 168 -36.22 -18.58 -14.77
N SER A 169 -36.58 -18.51 -13.49
CA SER A 169 -35.62 -18.09 -12.48
C SER A 169 -34.76 -19.27 -12.05
N LEU A 170 -33.58 -18.97 -11.49
CA LEU A 170 -32.66 -20.01 -11.07
C LEU A 170 -33.10 -20.76 -9.82
N SER A 171 -34.16 -20.29 -9.16
CA SER A 171 -34.51 -20.83 -7.85
C SER A 171 -34.91 -22.31 -7.92
N SER A 172 -35.41 -22.77 -9.05
CA SER A 172 -35.76 -24.17 -9.20
C SER A 172 -34.59 -25.03 -9.63
N VAL A 173 -33.52 -24.43 -10.15
CA VAL A 173 -32.41 -25.17 -10.72
C VAL A 173 -31.45 -25.65 -9.64
N TYR A 174 -31.16 -24.81 -8.65
CA TYR A 174 -30.05 -25.03 -7.73
C TYR A 174 -30.54 -25.13 -6.29
N ARG A 175 -29.96 -26.08 -5.56
CA ARG A 175 -30.38 -26.36 -4.19
C ARG A 175 -29.79 -25.34 -3.22
N VAL A 176 -30.59 -24.96 -2.23
CA VAL A 176 -30.17 -24.03 -1.18
C VAL A 176 -30.25 -24.76 0.16
N TYR A 177 -29.14 -24.73 0.91
CA TYR A 177 -29.05 -25.38 2.21
C TYR A 177 -29.04 -24.33 3.31
N ASP A 178 -29.44 -24.76 4.50
CA ASP A 178 -29.28 -23.99 5.73
C ASP A 178 -28.29 -24.72 6.62
N TRP A 179 -27.20 -24.04 6.98
CA TRP A 179 -26.15 -24.70 7.75
C TRP A 179 -26.70 -25.36 9.01
N VAL A 180 -27.64 -24.70 9.69
CA VAL A 180 -28.17 -25.23 10.94
C VAL A 180 -29.22 -26.31 10.67
N ALA A 181 -30.25 -25.98 9.90
CA ALA A 181 -31.38 -26.88 9.72
C ALA A 181 -30.97 -28.15 8.98
N ASP A 182 -30.07 -28.03 8.00
CA ASP A 182 -29.64 -29.18 7.21
C ASP A 182 -28.36 -29.81 7.72
N ASP A 183 -27.86 -29.38 8.88
CA ASP A 183 -26.74 -30.01 9.58
C ASP A 183 -25.46 -29.96 8.75
N GLY A 184 -25.04 -28.73 8.43
CA GLY A 184 -23.82 -28.53 7.65
C GLY A 184 -22.60 -29.11 8.33
N TYR A 185 -22.59 -29.13 9.66
CA TYR A 185 -21.43 -29.62 10.39
C TYR A 185 -21.14 -31.06 10.02
N ASN A 186 -22.16 -31.86 9.72
CA ASN A 186 -21.98 -33.24 9.34
C ASN A 186 -22.15 -33.50 7.84
N LYS A 187 -22.81 -32.60 7.11
CA LYS A 187 -23.22 -32.90 5.75
C LYS A 187 -22.64 -31.97 4.69
N PHE A 188 -21.84 -30.97 5.06
CA PHE A 188 -21.35 -30.00 4.06
C PHE A 188 -20.59 -30.71 2.95
N SER A 189 -19.66 -31.60 3.31
CA SER A 189 -18.87 -32.28 2.29
C SER A 189 -19.74 -33.07 1.34
N SER A 190 -20.84 -33.64 1.83
CA SER A 190 -21.76 -34.39 0.97
C SER A 190 -22.50 -33.48 0.00
N TRP A 191 -22.68 -32.20 0.35
CA TRP A 191 -23.39 -31.29 -0.56
C TRP A 191 -22.51 -30.88 -1.73
N VAL A 192 -21.19 -30.82 -1.53
CA VAL A 192 -20.30 -30.48 -2.64
C VAL A 192 -20.07 -31.70 -3.53
N ASN A 193 -19.64 -32.82 -2.94
CA ASN A 193 -19.39 -34.03 -3.71
C ASN A 193 -20.69 -34.79 -3.97
N ASN B 2 -3.46 23.65 -0.42
CA ASN B 2 -3.68 22.24 -0.74
C ASN B 2 -2.67 21.74 -1.78
N SER B 3 -2.55 20.41 -1.84
CA SER B 3 -1.55 19.73 -2.66
C SER B 3 -2.21 18.61 -3.45
N ILE B 4 -3.28 18.94 -4.17
CA ILE B 4 -4.01 17.95 -4.93
C ILE B 4 -4.01 18.22 -6.42
N THR B 5 -3.22 19.21 -6.88
CA THR B 5 -3.17 19.46 -8.31
C THR B 5 -2.64 18.24 -9.06
N HIS B 6 -1.59 17.59 -8.53
CA HIS B 6 -1.06 16.41 -9.20
C HIS B 6 -2.09 15.28 -9.19
N ALA B 7 -2.78 15.08 -8.06
CA ALA B 7 -3.76 14.01 -7.98
C ALA B 7 -4.98 14.30 -8.86
N GLU B 8 -5.43 15.55 -8.88
CA GLU B 8 -6.58 15.88 -9.72
C GLU B 8 -6.22 15.75 -11.20
N PHE B 9 -4.98 16.08 -11.57
CA PHE B 9 -4.56 15.90 -12.96
C PHE B 9 -4.57 14.42 -13.33
N GLU B 10 -4.05 13.57 -12.45
CA GLU B 10 -4.04 12.13 -12.73
C GLU B 10 -5.45 11.59 -12.93
N PHE B 11 -6.38 12.00 -12.08
CA PHE B 11 -7.77 11.56 -12.24
C PHE B 11 -8.37 12.10 -13.52
N SER B 12 -8.06 13.35 -13.87
CA SER B 12 -8.59 13.95 -15.09
C SER B 12 -8.14 13.17 -16.32
N LEU B 13 -6.89 12.69 -16.32
CA LEU B 13 -6.39 11.90 -17.44
C LEU B 13 -7.24 10.66 -17.65
N LEU B 14 -7.67 10.03 -16.56
CA LEU B 14 -8.51 8.83 -16.65
C LEU B 14 -9.93 9.18 -17.07
N GLU B 15 -10.48 10.29 -16.54
CA GLU B 15 -11.88 10.63 -16.81
C GLU B 15 -12.09 11.11 -18.24
N ASN B 16 -11.09 11.75 -18.83
CA ASN B 16 -11.28 12.37 -20.15
C ASN B 16 -11.14 11.39 -21.30
N VAL B 17 -10.72 10.15 -21.05
CA VAL B 17 -10.69 9.13 -22.09
C VAL B 17 -12.11 8.69 -22.40
N LYS B 18 -12.39 8.48 -23.68
CA LYS B 18 -13.64 7.87 -24.12
C LYS B 18 -13.47 6.36 -24.14
N TYR B 19 -14.18 5.67 -23.26
CA TYR B 19 -14.08 4.23 -23.14
C TYR B 19 -15.18 3.58 -23.98
N GLU B 20 -14.78 2.59 -24.80
CA GLU B 20 -15.71 1.93 -25.70
C GLU B 20 -16.80 1.19 -24.93
N THR B 21 -16.42 0.50 -23.86
CA THR B 21 -17.36 -0.28 -23.07
C THR B 21 -17.22 0.08 -21.59
N GLU B 22 -18.27 -0.25 -20.83
CA GLU B 22 -18.27 0.03 -19.40
C GLU B 22 -17.17 -0.75 -18.68
N ASP B 23 -16.85 -1.95 -19.17
CA ASP B 23 -15.85 -2.79 -18.53
C ASP B 23 -14.45 -2.20 -18.59
N GLU B 24 -14.20 -1.22 -19.46
CA GLU B 24 -12.87 -0.65 -19.61
C GLU B 24 -12.62 0.55 -18.71
N VAL B 25 -13.64 1.06 -18.04
CA VAL B 25 -13.46 2.26 -17.22
C VAL B 25 -12.61 1.92 -16.00
N PRO B 26 -11.56 2.68 -15.68
CA PRO B 26 -10.72 2.35 -14.53
C PRO B 26 -11.52 2.31 -13.24
N ILE B 27 -11.19 1.32 -12.41
CA ILE B 27 -11.95 1.10 -11.17
C ILE B 27 -11.73 2.23 -10.17
N VAL B 28 -10.54 2.85 -10.17
CA VAL B 28 -10.24 3.88 -9.17
C VAL B 28 -11.16 5.08 -9.27
N LEU B 29 -11.74 5.33 -10.45
CA LEU B 29 -12.63 6.48 -10.60
C LEU B 29 -13.81 6.41 -9.64
N GLU B 30 -14.27 5.19 -9.31
CA GLU B 30 -15.38 5.03 -8.38
C GLU B 30 -15.02 5.49 -6.97
N TYR B 31 -13.72 5.59 -6.65
CA TYR B 31 -13.27 5.96 -5.31
C TYR B 31 -12.58 7.32 -5.29
N LYS B 32 -12.77 8.13 -6.32
CA LYS B 32 -12.01 9.38 -6.44
C LYS B 32 -12.23 10.30 -5.24
N GLU B 33 -13.48 10.45 -4.81
CA GLU B 33 -13.76 11.42 -3.74
C GLU B 33 -13.11 10.97 -2.42
N GLU B 34 -13.17 9.67 -2.12
CA GLU B 34 -12.59 9.17 -0.88
C GLU B 34 -11.07 9.23 -0.94
N ILE B 35 -10.48 8.93 -2.10
CA ILE B 35 -9.03 9.03 -2.25
C ILE B 35 -8.57 10.48 -2.13
N ILE B 36 -9.28 11.39 -2.81
CA ILE B 36 -8.88 12.80 -2.76
C ILE B 36 -8.98 13.34 -1.33
N ASN B 37 -10.07 12.99 -0.62
CA ASN B 37 -10.22 13.45 0.75
C ASN B 37 -9.09 12.95 1.64
N LEU B 38 -8.60 11.73 1.39
CA LEU B 38 -7.47 11.22 2.16
C LEU B 38 -6.19 11.97 1.81
N ILE B 39 -5.94 12.23 0.53
CA ILE B 39 -4.78 13.01 0.12
C ILE B 39 -4.84 14.41 0.74
N LYS B 40 -6.03 15.03 0.73
CA LYS B 40 -6.18 16.37 1.29
C LYS B 40 -5.78 16.41 2.75
N LYS B 41 -6.24 15.44 3.55
CA LYS B 41 -5.89 15.40 4.97
C LYS B 41 -4.40 15.17 5.14
N PHE B 42 -3.83 14.26 4.35
CA PHE B 42 -2.40 14.00 4.38
C PHE B 42 -1.62 15.26 4.04
N SER B 43 -2.09 16.03 3.05
CA SER B 43 -1.39 17.22 2.60
C SER B 43 -1.41 18.34 3.63
N ASN B 44 -2.32 18.29 4.60
CA ASN B 44 -2.47 19.33 5.60
C ASN B 44 -1.90 18.94 6.95
N SER B 45 -1.14 17.85 7.03
CA SER B 45 -0.66 17.34 8.31
C SER B 45 0.75 17.82 8.66
N GLY B 46 1.32 18.75 7.89
CA GLY B 46 2.62 19.30 8.21
C GLY B 46 3.80 18.44 7.82
N GLN B 47 3.63 17.55 6.86
CA GLN B 47 4.69 16.62 6.45
C GLN B 47 5.86 17.36 5.82
N SER B 48 7.06 16.80 6.01
CA SER B 48 8.25 17.23 5.29
C SER B 48 8.59 16.21 4.21
N GLY B 49 9.62 16.52 3.41
CA GLY B 49 10.08 15.57 2.41
C GLY B 49 10.59 14.28 3.03
N MET B 50 11.24 14.37 4.20
CA MET B 50 11.67 13.18 4.92
C MET B 50 10.53 12.46 5.61
N SER B 51 9.56 13.19 6.17
CA SER B 51 8.54 12.54 6.96
C SER B 51 7.43 11.93 6.10
N ALA B 52 7.11 12.56 4.97
CA ALA B 52 5.95 12.14 4.20
C ALA B 52 5.97 10.66 3.80
N PRO B 53 7.08 10.07 3.32
CA PRO B 53 7.03 8.66 2.92
C PRO B 53 6.78 7.73 4.09
N ILE B 54 7.25 8.10 5.28
CA ILE B 54 6.98 7.29 6.47
C ILE B 54 5.49 7.32 6.80
N THR B 55 4.93 8.52 6.87
CA THR B 55 3.50 8.67 7.15
C THR B 55 2.66 7.98 6.08
N ALA B 56 3.00 8.18 4.80
CA ALA B 56 2.28 7.52 3.71
C ALA B 56 2.28 6.01 3.87
N SER B 57 3.44 5.43 4.21
CA SER B 57 3.53 3.97 4.34
C SER B 57 2.66 3.47 5.48
N ILE B 58 2.62 4.21 6.59
CA ILE B 58 1.77 3.86 7.72
C ILE B 58 0.31 3.86 7.31
N ILE B 59 -0.11 4.92 6.60
CA ILE B 59 -1.51 5.06 6.19
C ILE B 59 -1.90 3.94 5.22
N THR B 60 -1.12 3.75 4.16
CA THR B 60 -1.54 2.81 3.12
C THR B 60 -1.45 1.36 3.61
N ASN B 61 -0.47 1.05 4.46
CA ASN B 61 -0.43 -0.30 5.01
C ASN B 61 -1.59 -0.56 5.96
N CYS B 62 -2.01 0.46 6.71
CA CYS B 62 -3.22 0.32 7.54
C CYS B 62 -4.45 0.07 6.66
N ILE B 63 -4.60 0.85 5.58
CA ILE B 63 -5.74 0.65 4.69
C ILE B 63 -5.70 -0.74 4.08
N LYS B 64 -4.52 -1.18 3.63
CA LYS B 64 -4.39 -2.51 3.04
C LYS B 64 -4.86 -3.58 4.03
N ASN B 65 -4.43 -3.48 5.29
CA ASN B 65 -4.82 -4.47 6.28
C ASN B 65 -6.32 -4.46 6.51
N LEU B 66 -6.90 -3.27 6.73
CA LEU B 66 -8.33 -3.18 7.03
C LEU B 66 -9.18 -3.67 5.86
N MET B 67 -8.78 -3.39 4.61
CA MET B 67 -9.53 -3.89 3.46
C MET B 67 -9.48 -5.41 3.37
N ALA B 68 -8.45 -6.05 3.92
CA ALA B 68 -8.35 -7.50 3.93
C ALA B 68 -8.90 -8.10 5.22
N PHE B 69 -9.51 -7.28 6.09
CA PHE B 69 -9.98 -7.71 7.41
C PHE B 69 -8.84 -8.27 8.26
N LYS B 70 -7.64 -7.72 8.08
CA LYS B 70 -6.49 -8.03 8.90
C LYS B 70 -6.34 -6.99 10.00
N PRO B 71 -5.74 -7.33 11.13
CA PRO B 71 -5.52 -6.34 12.18
C PRO B 71 -4.45 -5.36 11.75
N ILE B 72 -4.47 -4.17 12.36
CA ILE B 72 -3.47 -3.17 12.02
C ILE B 72 -2.20 -3.32 12.85
N GLY B 73 -2.22 -4.15 13.89
CA GLY B 73 -1.03 -4.61 14.53
C GLY B 73 -1.08 -6.12 14.68
N PRO B 74 -0.14 -6.70 15.42
CA PRO B 74 -0.13 -8.15 15.59
C PRO B 74 -1.25 -8.62 16.51
N LEU B 75 -1.64 -9.88 16.33
CA LEU B 75 -2.51 -10.52 17.29
C LEU B 75 -1.79 -10.67 18.63
N VAL B 76 -2.55 -10.51 19.71
CA VAL B 76 -2.03 -10.63 21.07
C VAL B 76 -2.34 -12.04 21.59
N GLY B 77 -3.46 -12.60 21.15
CA GLY B 77 -3.88 -13.91 21.58
C GLY B 77 -4.50 -13.97 22.96
N ASN B 78 -4.72 -12.82 23.60
CA ASN B 78 -5.29 -12.80 24.94
C ASN B 78 -6.76 -13.22 24.89
N GLU B 79 -7.35 -13.40 26.09
CA GLU B 79 -8.67 -14.00 26.19
C GLU B 79 -9.71 -13.20 25.41
N GLU B 80 -9.61 -11.87 25.42
CA GLU B 80 -10.57 -11.02 24.75
C GLU B 80 -10.56 -11.17 23.23
N GLU B 81 -9.51 -11.79 22.67
CA GLU B 81 -9.36 -11.87 21.22
C GLU B 81 -10.09 -13.05 20.57
N TRP B 82 -10.79 -13.88 21.35
CA TRP B 82 -11.41 -15.08 20.80
C TRP B 82 -12.93 -15.01 20.92
N ASN B 83 -13.59 -15.71 20.02
CA ASN B 83 -15.05 -15.84 20.02
C ASN B 83 -15.40 -17.19 20.64
N TYR B 84 -16.02 -17.15 21.81
CA TYR B 84 -16.30 -18.35 22.58
C TYR B 84 -17.66 -18.96 22.26
N ASN B 85 -18.39 -18.39 21.31
CA ASN B 85 -19.71 -18.92 20.93
C ASN B 85 -19.60 -20.00 19.86
N SER B 86 -18.76 -21.01 20.14
CA SER B 86 -18.64 -22.19 19.30
C SER B 86 -18.37 -23.39 20.18
N ASP B 87 -18.61 -24.58 19.63
CA ASP B 87 -18.39 -25.81 20.38
C ASP B 87 -16.97 -26.33 20.24
N ASP B 88 -16.45 -26.39 19.00
CA ASP B 88 -15.16 -27.02 18.76
C ASP B 88 -14.04 -26.01 18.57
N SER B 89 -14.07 -25.27 17.47
CA SER B 89 -12.95 -24.41 17.07
C SER B 89 -13.27 -22.95 17.43
N PHE B 90 -12.41 -22.35 18.24
CA PHE B 90 -12.56 -20.97 18.68
C PHE B 90 -11.89 -20.03 17.68
N GLN B 91 -12.65 -19.08 17.17
CA GLN B 91 -12.22 -18.19 16.10
C GLN B 91 -11.68 -16.88 16.66
N ASN B 92 -10.60 -16.39 16.06
CA ASN B 92 -10.04 -15.12 16.49
C ASN B 92 -10.90 -13.96 15.98
N ASN B 93 -11.19 -13.00 16.88
CA ASN B 93 -12.07 -11.88 16.54
C ASN B 93 -11.43 -10.90 15.58
N ARG B 94 -10.10 -10.77 15.62
CA ARG B 94 -9.39 -9.75 14.85
C ARG B 94 -8.82 -10.25 13.53
N LEU B 95 -8.51 -11.53 13.44
CA LEU B 95 -8.04 -12.16 12.21
C LEU B 95 -8.81 -13.47 12.10
N SER B 96 -9.95 -13.44 11.41
CA SER B 96 -10.92 -14.51 11.55
C SER B 96 -10.51 -15.80 10.86
N ALA B 97 -9.45 -15.80 10.06
CA ALA B 97 -8.90 -17.05 9.56
C ALA B 97 -8.01 -17.75 10.57
N VAL B 98 -7.90 -17.25 11.79
CA VAL B 98 -7.14 -17.91 12.85
C VAL B 98 -8.12 -18.63 13.76
N PHE B 99 -7.83 -19.91 14.01
CA PHE B 99 -8.67 -20.75 14.86
C PHE B 99 -7.77 -21.52 15.80
N LYS B 100 -8.35 -21.97 16.92
CA LYS B 100 -7.73 -22.97 17.77
C LYS B 100 -8.79 -23.99 18.14
N THR B 101 -8.44 -25.28 17.98
CA THR B 101 -9.38 -26.36 18.27
C THR B 101 -9.33 -26.63 19.77
N GLY B 102 -10.38 -26.22 20.47
CA GLY B 102 -10.38 -26.27 21.91
C GLY B 102 -9.74 -25.05 22.54
N LEU B 103 -10.07 -24.81 23.81
CA LEU B 103 -9.55 -23.63 24.50
C LEU B 103 -8.04 -23.70 24.66
N ASN B 104 -7.48 -24.90 24.76
CA ASN B 104 -6.03 -25.09 24.87
C ASN B 104 -5.42 -25.58 23.57
N GLY B 105 -6.15 -25.53 22.47
CA GLY B 105 -5.60 -25.92 21.20
C GLY B 105 -4.53 -24.96 20.71
N LYS B 106 -3.72 -25.46 19.80
CA LYS B 106 -2.67 -24.68 19.17
C LYS B 106 -3.28 -23.83 18.05
N PRO B 107 -3.17 -22.50 18.10
CA PRO B 107 -3.79 -21.68 17.04
C PRO B 107 -3.15 -21.91 15.68
N TYR B 108 -3.99 -21.93 14.65
CA TYR B 108 -3.53 -22.08 13.27
C TYR B 108 -4.19 -21.02 12.39
N TYR B 109 -3.65 -20.85 11.18
CA TYR B 109 -4.03 -19.77 10.28
C TYR B 109 -4.38 -20.37 8.92
N LEU B 110 -5.65 -20.24 8.51
CA LEU B 110 -6.08 -20.91 7.28
C LEU B 110 -5.41 -20.33 6.02
N ASP B 111 -4.90 -19.11 6.09
CA ASP B 111 -4.35 -18.41 4.94
C ASP B 111 -2.82 -18.40 4.91
N ALA B 112 -2.17 -19.29 5.67
CA ALA B 112 -0.72 -19.24 5.77
C ALA B 112 -0.06 -19.49 4.41
N ILE B 113 -0.62 -20.39 3.60
CA ILE B 113 -0.04 -20.76 2.31
C ILE B 113 -1.12 -20.70 1.24
N THR B 114 -0.82 -19.98 0.16
CA THR B 114 -1.55 -20.09 -1.09
C THR B 114 -0.66 -20.82 -2.10
N PHE B 115 -1.19 -21.85 -2.74
CA PHE B 115 -0.43 -22.59 -3.73
C PHE B 115 -0.64 -21.96 -5.11
N VAL B 116 0.46 -21.87 -5.88
CA VAL B 116 0.48 -21.18 -7.16
C VAL B 116 0.97 -22.17 -8.20
N GLY B 117 0.07 -22.64 -9.06
CA GLY B 117 0.43 -23.55 -10.12
C GLY B 117 1.13 -22.85 -11.28
N GLU B 118 1.56 -23.65 -12.26
CA GLU B 118 2.26 -23.10 -13.41
C GLU B 118 1.31 -22.37 -14.34
N GLU B 119 0.06 -22.80 -14.41
CA GLU B 119 -0.95 -22.15 -15.23
C GLU B 119 -1.41 -20.86 -14.57
N GLU B 120 -1.61 -19.82 -15.37
CA GLU B 120 -2.23 -18.61 -14.87
C GLU B 120 -3.59 -18.95 -14.26
N TYR B 121 -3.90 -18.29 -13.14
CA TYR B 121 -5.14 -18.44 -12.38
C TYR B 121 -5.27 -19.78 -11.67
N ASP B 122 -4.26 -20.65 -11.69
CA ASP B 122 -4.32 -21.90 -10.94
C ASP B 122 -3.75 -21.68 -9.54
N THR B 123 -4.48 -20.89 -8.76
CA THR B 123 -4.08 -20.50 -7.42
C THR B 123 -5.18 -20.97 -6.46
N PHE B 124 -4.78 -21.57 -5.35
CA PHE B 124 -5.76 -22.29 -4.54
C PHE B 124 -5.25 -22.52 -3.13
N HIS B 125 -6.20 -22.76 -2.23
CA HIS B 125 -5.93 -23.32 -0.92
C HIS B 125 -6.15 -24.83 -0.98
N GLY B 126 -5.32 -25.58 -0.27
CA GLY B 126 -5.51 -27.02 -0.26
C GLY B 126 -4.36 -27.74 0.41
N HIS B 127 -4.07 -28.94 -0.08
CA HIS B 127 -3.02 -29.80 0.44
CA HIS B 127 -3.04 -29.83 0.43
C HIS B 127 -2.16 -30.30 -0.72
N VAL B 128 -0.85 -30.12 -0.60
CA VAL B 128 0.10 -30.53 -1.64
C VAL B 128 1.24 -31.27 -0.95
N GLU B 129 1.34 -32.58 -1.18
CA GLU B 129 2.41 -33.40 -0.61
C GLU B 129 2.54 -33.18 0.89
N GLY B 130 1.43 -33.32 1.60
CA GLY B 130 1.45 -33.16 3.04
C GLY B 130 1.60 -31.74 3.55
N ILE B 131 1.59 -30.75 2.66
CA ILE B 131 1.67 -29.34 3.05
C ILE B 131 0.28 -28.74 2.90
N SER B 132 -0.30 -28.29 4.02
CA SER B 132 -1.63 -27.73 4.00
C SER B 132 -1.56 -26.20 3.96
N SER B 133 -2.65 -25.59 3.48
CA SER B 133 -2.71 -24.13 3.47
C SER B 133 -2.74 -23.58 4.89
N ARG B 134 -3.35 -24.31 5.83
CA ARG B 134 -3.35 -23.90 7.22
C ARG B 134 -2.09 -24.40 7.91
N GLN B 135 -1.51 -23.55 8.74
CA GLN B 135 -0.29 -23.83 9.46
C GLN B 135 -0.39 -23.27 10.86
N TYR B 136 0.32 -23.89 11.80
CA TYR B 136 0.27 -23.46 13.20
C TYR B 136 1.06 -22.17 13.41
N LEU B 137 0.49 -21.25 14.18
CA LEU B 137 1.26 -20.11 14.67
C LEU B 137 2.35 -20.60 15.62
N LYS B 138 3.53 -19.98 15.54
CA LYS B 138 4.60 -20.27 16.49
C LYS B 138 4.31 -19.72 17.87
N GLY B 139 3.48 -18.68 17.95
CA GLY B 139 3.16 -18.07 19.22
C GLY B 139 2.69 -16.64 19.00
N PHE B 140 2.47 -15.94 20.12
CA PHE B 140 2.06 -14.56 20.08
C PHE B 140 3.14 -13.67 20.70
N PRO B 141 3.26 -12.41 20.26
CA PRO B 141 2.46 -11.71 19.23
C PRO B 141 2.61 -12.31 17.82
N PHE B 142 1.54 -12.38 17.03
CA PHE B 142 1.59 -12.98 15.72
C PHE B 142 1.40 -11.92 14.65
N PHE B 143 2.34 -11.87 13.70
CA PHE B 143 2.26 -10.96 12.57
C PHE B 143 1.82 -11.74 11.35
N PRO B 144 0.65 -11.49 10.79
CA PRO B 144 0.14 -12.35 9.71
C PRO B 144 0.97 -12.22 8.43
N LYS B 145 1.15 -13.35 7.76
CA LYS B 145 1.87 -13.40 6.49
C LYS B 145 1.41 -14.61 5.70
N THR B 146 1.17 -14.41 4.40
CA THR B 146 0.81 -15.48 3.48
C THR B 146 2.00 -15.80 2.60
N PHE B 147 2.35 -17.08 2.52
CA PHE B 147 3.42 -17.56 1.66
C PHE B 147 2.83 -18.12 0.37
N TYR B 148 3.44 -17.77 -0.76
CA TYR B 148 2.98 -18.22 -2.07
C TYR B 148 3.94 -19.30 -2.55
N ILE B 149 3.47 -20.54 -2.52
CA ILE B 149 4.31 -21.71 -2.76
C ILE B 149 3.99 -22.25 -4.16
N ASN B 150 5.00 -22.28 -5.01
CA ASN B 150 4.81 -22.76 -6.38
C ASN B 150 4.66 -24.27 -6.41
N VAL B 151 3.73 -24.74 -7.23
CA VAL B 151 3.47 -26.15 -7.42
C VAL B 151 3.40 -26.45 -8.91
N TYR B 152 3.51 -27.74 -9.24
CA TYR B 152 3.40 -28.20 -10.61
C TYR B 152 2.61 -29.51 -10.62
N LYS B 153 2.01 -29.79 -11.77
CA LYS B 153 1.22 -31.00 -11.93
C LYS B 153 2.12 -32.12 -12.45
N ASP B 154 2.14 -33.24 -11.73
CA ASP B 154 2.92 -34.41 -12.11
C ASP B 154 1.97 -35.42 -12.75
N PHE B 155 2.00 -35.49 -14.08
CA PHE B 155 1.23 -36.49 -14.80
C PHE B 155 1.98 -37.81 -14.92
N GLU B 156 3.31 -37.79 -14.80
CA GLU B 156 4.10 -39.00 -15.00
C GLU B 156 3.94 -39.97 -13.83
N ASN B 157 4.27 -39.52 -12.63
CA ASN B 157 4.29 -40.37 -11.43
C ASN B 157 3.22 -39.90 -10.47
N LYS B 158 1.97 -40.25 -10.77
CA LYS B 158 0.84 -39.87 -9.94
C LYS B 158 0.44 -41.00 -8.99
N ASP B 159 -0.26 -40.64 -7.92
CA ASP B 159 -0.71 -41.62 -6.94
C ASP B 159 -2.08 -41.25 -6.39
N GLY B 169 -7.99 -36.71 -11.79
CA GLY B 169 -7.72 -38.13 -11.95
C GLY B 169 -6.60 -38.42 -12.93
N GLU B 170 -5.76 -37.43 -13.19
CA GLU B 170 -4.67 -37.55 -14.13
C GLU B 170 -3.32 -37.07 -13.59
N TYR B 171 -3.30 -36.25 -12.53
CA TYR B 171 -2.05 -35.69 -12.06
C TYR B 171 -2.04 -35.64 -10.54
N THR B 172 -0.86 -35.41 -9.98
CA THR B 172 -0.67 -35.16 -8.56
C THR B 172 0.14 -33.87 -8.41
N TYR B 173 -0.38 -32.94 -7.61
CA TYR B 173 0.35 -31.70 -7.35
C TYR B 173 1.60 -31.99 -6.54
N ARG B 174 2.69 -31.28 -6.85
CA ARG B 174 3.95 -31.44 -6.14
C ARG B 174 4.60 -30.10 -5.89
N ILE B 175 5.40 -30.03 -4.83
CA ILE B 175 6.09 -28.80 -4.46
C ILE B 175 7.23 -28.55 -5.44
N LYS B 176 7.22 -27.38 -6.07
CA LYS B 176 8.22 -27.09 -7.10
C LYS B 176 9.58 -26.76 -6.50
N TYR B 177 9.62 -25.86 -5.50
CA TYR B 177 10.86 -25.38 -4.90
C TYR B 177 10.85 -25.71 -3.41
N PRO B 178 11.43 -26.84 -3.00
CA PRO B 178 11.46 -27.18 -1.57
C PRO B 178 12.12 -26.13 -0.70
N GLU B 179 13.00 -25.29 -1.25
CA GLU B 179 13.60 -24.22 -0.46
C GLU B 179 12.56 -23.21 0.00
N GLN B 180 11.45 -23.09 -0.73
CA GLN B 180 10.39 -22.17 -0.32
C GLN B 180 9.77 -22.60 1.01
N LEU B 181 9.72 -23.91 1.27
CA LEU B 181 9.12 -24.39 2.51
C LEU B 181 10.02 -24.13 3.72
N GLU B 182 11.32 -23.91 3.51
CA GLU B 182 12.19 -23.58 4.63
C GLU B 182 11.81 -22.24 5.25
N GLU B 183 11.55 -21.23 4.42
CA GLU B 183 11.11 -19.94 4.95
C GLU B 183 9.76 -20.07 5.65
N VAL B 184 8.86 -20.89 5.09
CA VAL B 184 7.53 -21.03 5.67
C VAL B 184 7.62 -21.51 7.12
N PHE B 185 8.41 -22.55 7.35
CA PHE B 185 8.47 -23.17 8.67
C PHE B 185 9.52 -22.53 9.58
N ASN B 186 10.17 -21.46 9.13
CA ASN B 186 10.81 -20.53 10.05
C ASN B 186 9.81 -19.51 10.57
N TYR B 187 8.66 -19.38 9.93
CA TYR B 187 7.60 -18.46 10.30
C TYR B 187 6.44 -19.15 11.01
N TYR B 188 6.11 -20.37 10.61
CA TYR B 188 5.04 -21.16 11.19
C TYR B 188 5.61 -22.47 11.71
N ASP B 189 4.75 -23.25 12.38
CA ASP B 189 5.02 -24.63 12.74
C ASP B 189 4.14 -25.54 11.91
N LYS B 190 4.70 -26.67 11.49
CA LYS B 190 4.03 -27.52 10.51
C LYS B 190 2.75 -28.13 11.08
N PHE B 191 1.67 -28.03 10.30
CA PHE B 191 0.38 -28.57 10.68
C PHE B 191 0.25 -29.97 10.07
N THR B 192 0.14 -30.97 10.92
CA THR B 192 0.04 -32.35 10.45
C THR B 192 -1.13 -33.08 11.12
N MET C 2 36.10 15.67 -1.19
CA MET C 2 35.79 14.62 -0.22
C MET C 2 34.28 14.66 0.06
N ALA C 3 33.62 13.49 -0.03
CA ALA C 3 32.17 13.45 -0.15
C ALA C 3 31.47 13.97 1.11
N LYS C 4 30.34 14.63 0.90
CA LYS C 4 29.55 15.19 1.99
C LYS C 4 28.10 14.81 1.74
N ARG C 5 27.32 14.67 2.83
CA ARG C 5 25.91 14.34 2.69
C ARG C 5 25.06 15.45 3.27
N VAL C 6 24.07 15.89 2.49
CA VAL C 6 23.13 16.94 2.88
C VAL C 6 21.82 16.32 3.29
N PHE C 7 21.16 16.94 4.27
CA PHE C 7 19.76 16.66 4.59
C PHE C 7 18.92 17.76 3.95
N PHE C 8 18.11 17.42 2.97
CA PHE C 8 17.21 18.38 2.34
C PHE C 8 15.94 18.50 3.18
N SER C 9 15.74 19.66 3.81
CA SER C 9 14.53 19.94 4.59
C SER C 9 13.60 20.78 3.71
N PHE C 10 12.45 20.20 3.36
CA PHE C 10 11.45 20.93 2.59
C PHE C 10 10.08 20.37 2.98
N HIS C 11 9.05 21.12 2.71
CA HIS C 11 7.77 20.57 3.10
C HIS C 11 7.07 19.89 1.92
N TYR C 12 6.14 19.02 2.28
CA TYR C 12 5.48 18.14 1.32
C TYR C 12 4.33 18.89 0.67
N GLN C 13 4.43 19.08 -0.65
CA GLN C 13 3.38 19.71 -1.46
C GLN C 13 3.77 19.53 -2.91
N ASP C 14 2.77 19.25 -3.77
CA ASP C 14 3.11 18.96 -5.16
C ASP C 14 3.75 20.16 -5.84
N VAL C 15 3.29 21.37 -5.52
CA VAL C 15 3.78 22.57 -6.21
C VAL C 15 5.21 22.92 -5.85
N ILE C 16 5.77 22.35 -4.80
CA ILE C 16 7.17 22.55 -4.48
C ILE C 16 8.01 21.29 -4.55
N ASP C 17 7.40 20.11 -4.59
CA ASP C 17 8.17 18.89 -4.81
C ASP C 17 8.90 18.94 -6.16
N PHE C 18 8.24 19.41 -7.22
CA PHE C 18 8.92 19.43 -8.51
C PHE C 18 10.05 20.45 -8.50
N ARG C 19 9.89 21.55 -7.77
CA ARG C 19 10.95 22.53 -7.67
C ARG C 19 12.14 21.99 -6.88
N VAL C 20 11.86 21.21 -5.83
CA VAL C 20 12.94 20.51 -5.12
C VAL C 20 13.69 19.57 -6.06
N ASN C 21 12.96 18.87 -6.92
CA ASN C 21 13.62 17.93 -7.82
C ASN C 21 14.52 18.63 -8.83
N VAL C 22 14.20 19.87 -9.20
CA VAL C 22 15.13 20.63 -10.05
C VAL C 22 16.46 20.81 -9.31
N VAL C 23 16.40 21.13 -8.02
CA VAL C 23 17.63 21.27 -7.23
C VAL C 23 18.36 19.93 -7.16
N ARG C 24 17.63 18.85 -6.88
CA ARG C 24 18.26 17.53 -6.78
C ARG C 24 18.94 17.15 -8.09
N ASN C 25 18.33 17.52 -9.22
CA ASN C 25 18.89 17.19 -10.52
C ASN C 25 20.27 17.84 -10.72
N HIS C 26 20.61 18.86 -9.92
CA HIS C 26 21.90 19.51 -10.03
C HIS C 26 22.89 19.14 -8.94
N TRP C 27 22.43 18.66 -7.79
CA TRP C 27 23.32 18.31 -6.68
C TRP C 27 23.91 16.90 -6.83
N THR C 29 26.36 14.97 -7.89
CA THR C 29 27.59 14.40 -8.44
C THR C 29 28.13 13.27 -7.58
N LYS C 30 29.29 12.72 -7.98
CA LYS C 30 29.90 11.62 -7.23
C LYS C 30 30.16 12.00 -5.78
N LEU C 31 30.58 13.24 -5.54
CA LEU C 31 30.96 13.69 -4.21
C LEU C 31 29.80 14.28 -3.43
N ASN C 32 28.58 14.17 -3.94
CA ASN C 32 27.41 14.78 -3.33
C ASN C 32 26.39 13.69 -2.99
N GLN C 33 26.07 13.56 -1.71
CA GLN C 33 25.05 12.64 -1.25
C GLN C 33 23.93 13.41 -0.58
N SER C 34 22.76 12.79 -0.48
CA SER C 34 21.65 13.37 0.26
C SER C 34 20.92 12.27 1.01
N ALA C 35 20.45 12.59 2.21
CA ALA C 35 19.71 11.61 3.01
C ALA C 35 18.41 11.22 2.31
N ALA C 36 18.06 9.94 2.42
CA ALA C 36 16.86 9.42 1.79
C ALA C 36 16.24 8.37 2.69
N GLY C 37 14.91 8.41 2.86
CA GLY C 37 14.22 7.43 3.68
C GLY C 37 13.97 6.11 2.96
N VAL C 38 13.60 5.11 3.75
CA VAL C 38 13.50 3.72 3.27
C VAL C 38 12.33 3.01 3.94
N PHE C 39 11.63 3.72 4.84
CA PHE C 39 10.64 3.11 5.73
C PHE C 39 9.60 2.27 5.00
N ASP C 40 9.30 1.10 5.56
CA ASP C 40 8.27 0.22 5.04
C ASP C 40 7.48 -0.28 6.25
N ALA C 41 6.26 0.24 6.42
CA ALA C 41 5.45 -0.11 7.59
C ALA C 41 4.99 -1.55 7.60
N SER C 42 5.14 -2.29 6.50
CA SER C 42 4.71 -3.68 6.45
C SER C 42 5.71 -4.64 7.07
N LEU C 43 6.98 -4.25 7.18
CA LEU C 43 7.99 -5.13 7.76
C LEU C 43 7.75 -5.34 9.25
N TRP C 44 7.52 -4.25 9.98
CA TRP C 44 7.41 -4.30 11.42
C TRP C 44 6.06 -4.87 11.87
N ASP C 46 3.06 -2.74 13.00
CA ASP C 46 2.35 -2.43 14.23
C ASP C 46 1.99 -0.94 14.28
N ALA C 47 0.75 -0.63 13.90
CA ALA C 47 0.30 0.77 13.91
C ALA C 47 0.31 1.37 15.30
N LYS C 48 0.33 0.53 16.35
CA LYS C 48 0.45 1.04 17.71
C LYS C 48 1.81 1.68 17.97
N LYS C 49 2.85 1.21 17.30
CA LYS C 49 4.20 1.69 17.55
C LYS C 49 4.63 2.81 16.62
N THR C 50 3.96 2.98 15.48
CA THR C 50 4.30 4.02 14.52
C THR C 50 3.60 5.31 14.95
N SER C 51 4.24 6.00 15.87
CA SER C 51 3.79 7.28 16.40
C SER C 51 4.79 8.36 16.01
N ASP C 52 4.62 9.54 16.59
CA ASP C 52 5.51 10.65 16.25
C ASP C 52 6.92 10.45 16.79
N ILE C 53 7.09 9.72 17.90
CA ILE C 53 8.46 9.44 18.35
C ILE C 53 9.17 8.53 17.38
N ALA C 54 8.44 7.61 16.74
CA ALA C 54 9.06 6.78 15.70
C ALA C 54 9.50 7.64 14.52
N LEU C 55 8.67 8.62 14.15
CA LEU C 55 9.03 9.55 13.09
C LEU C 55 10.29 10.33 13.47
N LYS C 56 10.34 10.83 14.70
CA LYS C 56 11.50 11.60 15.14
C LYS C 56 12.76 10.74 15.10
N ARG C 57 12.65 9.47 15.50
CA ARG C 57 13.82 8.59 15.51
C ARG C 57 14.36 8.38 14.10
N LEU C 58 13.48 8.26 13.10
CA LEU C 58 13.97 8.12 11.73
C LEU C 58 14.58 9.43 11.21
N ILE C 59 13.95 10.56 11.51
CA ILE C 59 14.55 11.84 11.09
C ILE C 59 15.89 12.04 11.79
N ASN C 60 15.94 11.79 13.11
CA ASN C 60 17.18 11.96 13.86
C ASN C 60 18.29 11.11 13.26
N GLY C 61 18.01 9.83 13.00
CA GLY C 61 19.02 8.95 12.45
C GLY C 61 19.52 9.39 11.09
N GLY C 62 18.62 9.86 10.23
CA GLY C 62 19.05 10.39 8.96
C GLY C 62 19.95 11.61 9.12
N LEU C 63 19.57 12.50 10.03
CA LEU C 63 20.38 13.69 10.31
C LEU C 63 21.76 13.33 10.84
N ASN C 64 21.88 12.23 11.59
CA ASN C 64 23.17 11.86 12.16
C ASN C 64 24.19 11.52 11.09
N ASN C 65 23.75 11.15 9.89
CA ASN C 65 24.66 10.81 8.80
C ASN C 65 24.86 11.97 7.83
N THR C 66 24.49 13.19 8.24
CA THR C 66 24.70 14.38 7.43
C THR C 66 25.45 15.41 8.24
N SER C 67 25.99 16.41 7.54
CA SER C 67 26.68 17.52 8.18
C SER C 67 26.14 18.88 7.76
N VAL C 68 25.24 18.92 6.77
CA VAL C 68 24.59 20.13 6.31
C VAL C 68 23.11 19.87 6.18
N THR C 69 22.30 20.77 6.72
CA THR C 69 20.86 20.77 6.49
C THR C 69 20.56 21.93 5.57
N CYS C 70 19.91 21.66 4.45
CA CYS C 70 19.62 22.71 3.48
C CYS C 70 18.10 22.80 3.35
N VAL C 71 17.55 23.91 3.85
CA VAL C 71 16.11 24.16 3.83
C VAL C 71 15.74 24.77 2.49
N LEU C 72 14.87 24.07 1.75
CA LEU C 72 14.37 24.54 0.46
C LEU C 72 13.03 25.22 0.70
N ILE C 73 12.92 26.51 0.35
CA ILE C 73 11.82 27.36 0.79
C ILE C 73 10.84 27.60 -0.35
N GLY C 74 9.59 27.19 -0.14
CA GLY C 74 8.46 27.55 -0.98
C GLY C 74 7.49 28.46 -0.26
N SER C 75 6.20 28.45 -0.64
CA SER C 75 5.28 29.46 -0.10
C SER C 75 4.85 29.17 1.33
N GLN C 76 4.62 27.90 1.69
CA GLN C 76 4.09 27.57 3.00
C GLN C 76 5.10 26.88 3.90
N THR C 77 6.37 26.81 3.48
CA THR C 77 7.37 26.06 4.24
C THR C 77 7.50 26.56 5.67
N PHE C 78 7.28 27.86 5.89
CA PHE C 78 7.63 28.49 7.16
C PHE C 78 6.84 27.92 8.34
N ASN C 79 5.65 27.36 8.09
CA ASN C 79 4.75 26.96 9.18
C ASN C 79 4.43 25.48 9.19
N ARG C 80 5.26 24.64 8.59
CA ARG C 80 5.01 23.20 8.51
C ARG C 80 5.74 22.46 9.63
N ARG C 81 5.01 21.62 10.36
CA ARG C 81 5.51 21.05 11.61
C ARG C 81 6.83 20.30 11.42
N TRP C 82 6.89 19.37 10.46
CA TRP C 82 8.06 18.52 10.40
C TRP C 82 9.28 19.22 9.83
N VAL C 83 9.09 20.28 9.04
CA VAL C 83 10.24 21.09 8.63
C VAL C 83 10.81 21.84 9.83
N ARG C 84 9.93 22.36 10.69
CA ARG C 84 10.42 23.06 11.88
C ARG C 84 11.21 22.12 12.78
N TYR C 85 10.76 20.87 12.90
CA TYR C 85 11.50 19.90 13.70
C TYR C 85 12.87 19.62 13.09
N GLU C 86 12.92 19.42 11.77
CA GLU C 86 14.20 19.13 11.13
C GLU C 86 15.19 20.26 11.34
N ILE C 87 14.73 21.51 11.28
CA ILE C 87 15.61 22.66 11.51
C ILE C 87 16.04 22.68 12.97
N MET C 88 15.10 22.52 13.90
CA MET C 88 15.46 22.63 15.31
C MET C 88 16.37 21.49 15.73
N LYS C 89 16.13 20.27 15.25
CA LYS C 89 17.00 19.16 15.58
C LYS C 89 18.38 19.31 14.92
N SER C 90 18.44 19.95 13.75
CA SER C 90 19.73 20.22 13.12
C SER C 90 20.58 21.13 13.97
N ILE C 91 19.97 22.12 14.64
CA ILE C 91 20.72 22.98 15.53
C ILE C 91 21.34 22.17 16.66
N GLU C 92 20.53 21.31 17.28
CA GLU C 92 21.01 20.50 18.40
C GLU C 92 22.18 19.60 18.00
N LYS C 93 22.18 19.10 16.76
CA LYS C 93 23.25 18.23 16.29
C LYS C 93 24.43 19.00 15.72
N GLY C 94 24.34 20.32 15.60
CA GLY C 94 25.47 21.10 15.13
C GLY C 94 25.68 21.08 13.63
N ASN C 95 24.67 20.72 12.87
CA ASN C 95 24.76 20.81 11.42
C ASN C 95 24.93 22.27 10.99
N LYS C 96 25.68 22.45 9.91
CA LYS C 96 25.56 23.68 9.14
C LYS C 96 24.16 23.73 8.55
N ILE C 97 23.56 24.92 8.56
CA ILE C 97 22.19 25.10 8.07
C ILE C 97 22.16 26.30 7.14
N ILE C 98 21.61 26.11 5.94
CA ILE C 98 21.32 27.21 5.03
C ILE C 98 19.88 27.07 4.53
N GLY C 99 19.36 28.18 3.99
CA GLY C 99 18.08 28.18 3.31
C GLY C 99 18.27 28.61 1.87
N ILE C 100 17.40 28.09 1.00
CA ILE C 100 17.44 28.44 -0.43
C ILE C 100 16.02 28.64 -0.92
N HIS C 101 15.71 29.84 -1.41
CA HIS C 101 14.42 30.07 -2.07
C HIS C 101 14.39 29.39 -3.43
N ILE C 102 13.37 28.58 -3.67
CA ILE C 102 13.26 27.86 -4.94
C ILE C 102 11.93 28.14 -5.62
N ASN C 103 11.26 29.23 -5.24
CA ASN C 103 9.94 29.49 -5.82
C ASN C 103 10.03 30.05 -7.24
N ALA C 104 11.22 30.38 -7.73
CA ALA C 104 11.37 30.97 -9.04
C ALA C 104 11.57 29.96 -10.17
N PHE C 105 11.52 28.66 -9.87
CA PHE C 105 11.49 27.67 -10.93
C PHE C 105 10.11 27.68 -11.59
N LYS C 106 10.08 27.75 -12.92
CA LYS C 106 8.84 27.87 -13.66
C LYS C 106 8.12 26.54 -13.75
N ASP C 107 6.79 26.58 -13.64
CA ASP C 107 5.98 25.39 -13.85
C ASP C 107 5.73 25.22 -15.36
N LYS C 108 4.84 24.30 -15.72
CA LYS C 108 4.65 23.97 -17.13
C LYS C 108 3.95 25.08 -17.91
N TYR C 109 3.33 26.04 -17.23
CA TYR C 109 2.75 27.20 -17.88
C TYR C 109 3.69 28.39 -17.90
N GLY C 110 4.87 28.27 -17.31
CA GLY C 110 5.78 29.39 -17.18
C GLY C 110 5.60 30.22 -15.94
N ASN C 111 4.73 29.82 -15.01
CA ASN C 111 4.48 30.60 -13.81
C ASN C 111 5.52 30.29 -12.73
N ILE C 112 5.76 31.29 -11.88
CA ILE C 112 6.50 31.10 -10.64
C ILE C 112 5.64 31.58 -9.49
N LYS C 113 6.19 31.57 -8.28
CA LYS C 113 5.52 32.16 -7.13
C LYS C 113 6.48 33.13 -6.45
N SER C 114 5.90 34.07 -5.72
CA SER C 114 6.72 34.96 -4.92
C SER C 114 7.43 34.18 -3.83
N LYS C 115 8.53 34.74 -3.33
CA LYS C 115 9.26 34.10 -2.25
C LYS C 115 8.33 33.86 -1.06
N GLY C 116 8.42 32.67 -0.49
CA GLY C 116 7.72 32.38 0.73
C GLY C 116 8.41 33.07 1.88
N PRO C 117 7.72 33.18 3.02
CA PRO C 117 8.37 33.78 4.20
C PRO C 117 9.53 32.92 4.68
N ASN C 118 10.55 33.57 5.20
CA ASN C 118 11.75 32.89 5.67
C ASN C 118 11.42 32.00 6.85
N PRO C 119 11.56 30.67 6.76
CA PRO C 119 11.26 29.83 7.93
C PRO C 119 12.10 30.18 9.15
N PHE C 120 13.29 30.74 8.94
CA PHE C 120 14.13 31.15 10.05
C PHE C 120 13.55 32.34 10.81
N ASP C 121 12.61 33.07 10.20
CA ASP C 121 11.93 34.15 10.91
C ASP C 121 10.93 33.65 11.95
N TYR C 122 10.50 32.38 11.85
CA TYR C 122 9.43 31.85 12.68
C TYR C 122 9.95 30.93 13.78
N LEU C 123 11.26 30.86 13.98
CA LEU C 123 11.89 30.00 14.96
C LEU C 123 12.95 30.82 15.69
N GLY C 124 13.19 30.49 16.95
CA GLY C 124 14.19 31.22 17.70
C GLY C 124 14.60 30.49 18.95
N TYR C 125 15.54 31.07 19.69
CA TYR C 125 16.01 30.44 20.92
C TYR C 125 16.42 31.52 21.91
N GLN C 126 16.61 31.09 23.16
CA GLN C 126 16.99 31.97 24.25
C GLN C 126 17.74 31.17 25.28
N TYR C 127 18.88 31.68 25.73
CA TYR C 127 19.66 31.02 26.77
C TYR C 127 19.05 31.28 28.14
N SER C 128 19.15 30.27 29.00
CA SER C 128 18.67 30.38 30.37
C SER C 128 19.52 31.39 31.16
N SER C 129 19.01 31.79 32.33
CA SER C 129 19.71 32.83 33.10
C SER C 129 21.07 32.35 33.59
N ASP C 130 21.24 31.05 33.79
CA ASP C 130 22.53 30.49 34.17
C ASP C 130 23.42 30.17 32.97
N GLY C 131 22.93 30.38 31.74
CA GLY C 131 23.74 30.21 30.55
C GLY C 131 23.96 28.78 30.11
N LYS C 132 23.32 27.81 30.76
CA LYS C 132 23.61 26.41 30.52
C LYS C 132 22.51 25.67 29.76
N GLN C 133 21.35 26.28 29.54
CA GLN C 133 20.24 25.63 28.87
C GLN C 133 19.77 26.48 27.70
N LEU C 134 19.43 25.83 26.60
CA LEU C 134 18.91 26.51 25.42
C LEU C 134 17.42 26.25 25.34
N HIS C 135 16.63 27.33 25.40
CA HIS C 135 15.19 27.23 25.26
C HIS C 135 14.78 27.62 23.84
N LEU C 136 13.86 26.86 23.26
CA LEU C 136 13.47 27.00 21.86
C LEU C 136 12.04 27.53 21.75
N TYR C 137 11.79 28.28 20.70
CA TYR C 137 10.51 28.95 20.49
C TYR C 137 10.12 28.88 19.02
N GLU C 138 8.80 28.88 18.79
CA GLU C 138 8.27 28.96 17.45
C GLU C 138 7.12 29.95 17.44
N TRP C 139 6.98 30.67 16.32
CA TRP C 139 5.89 31.61 16.13
C TRP C 139 4.66 30.84 15.67
N THR C 140 3.64 30.79 16.52
CA THR C 140 2.39 30.12 16.16
C THR C 140 1.28 30.63 17.07
N GLY C 141 0.08 30.72 16.53
CA GLY C 141 -1.04 31.22 17.30
C GLY C 141 -0.93 32.66 17.73
N GLY C 142 -0.24 33.49 16.95
CA GLY C 142 -0.14 34.90 17.24
C GLY C 142 0.89 35.30 18.27
N LYS C 143 1.68 34.37 18.78
CA LYS C 143 2.72 34.72 19.75
C LYS C 143 3.81 33.66 19.73
N TRP C 144 4.90 33.96 20.43
CA TRP C 144 6.05 33.06 20.50
C TRP C 144 5.77 32.01 21.57
N GLU C 145 5.59 30.77 21.13
CA GLU C 145 5.31 29.65 22.03
C GLU C 145 6.60 28.89 22.32
N GLU C 146 6.75 28.42 23.56
CA GLU C 146 7.77 27.43 23.84
C GLU C 146 7.62 26.26 22.88
N TYR C 147 8.74 25.86 22.27
CA TYR C 147 8.70 24.85 21.21
C TYR C 147 8.41 23.48 21.79
N LYS C 148 7.26 22.90 21.42
CA LYS C 148 6.83 21.65 22.05
C LYS C 148 7.54 20.43 21.47
N ASP C 149 7.96 20.48 20.21
CA ASP C 149 8.51 19.29 19.57
C ASP C 149 9.93 18.96 20.00
N LEU C 150 10.61 19.86 20.71
CA LEU C 150 11.98 19.58 21.17
C LEU C 150 12.22 20.36 22.45
N ALA C 151 12.42 19.65 23.55
CA ALA C 151 12.52 20.27 24.87
C ALA C 151 13.82 21.05 25.01
N PRO C 152 13.87 22.01 25.93
CA PRO C 152 15.14 22.73 26.16
C PRO C 152 16.23 21.75 26.55
N TYR C 153 17.46 22.02 26.08
CA TYR C 153 18.56 21.10 26.33
C TYR C 153 19.79 21.85 26.83
N ARG C 154 20.62 21.11 27.55
CA ARG C 154 21.85 21.65 28.11
C ARG C 154 22.89 21.86 27.01
N VAL C 155 23.62 22.95 27.11
CA VAL C 155 24.69 23.22 26.14
C VAL C 155 26.01 22.94 26.82
N ASN C 156 26.98 22.50 26.01
CA ASN C 156 28.28 22.09 26.53
C ASN C 156 29.14 23.29 26.92
N GLN C 157 28.92 24.44 26.29
CA GLN C 157 29.70 25.65 26.55
C GLN C 157 28.76 26.70 27.12
N ILE C 158 29.07 27.19 28.33
CA ILE C 158 28.23 28.19 28.97
C ILE C 158 28.16 29.45 28.11
N ALA C 159 26.95 30.01 27.99
CA ALA C 159 26.80 31.28 27.29
C ALA C 159 27.21 32.44 28.19
N PRO C 160 27.91 33.44 27.66
CA PRO C 160 28.27 34.60 28.50
C PRO C 160 27.01 35.34 28.93
N GLU C 161 27.12 36.05 30.05
CA GLU C 161 25.95 36.71 30.61
CA GLU C 161 25.96 36.75 30.61
C GLU C 161 25.30 37.66 29.60
N SER C 162 26.09 38.26 28.71
CA SER C 162 25.55 39.18 27.71
C SER C 162 24.62 38.50 26.71
N LEU C 163 24.70 37.18 26.58
CA LEU C 163 23.86 36.45 25.65
C LEU C 163 22.67 35.80 26.33
N ARG C 164 22.55 35.91 27.65
CA ARG C 164 21.49 35.21 28.37
C ARG C 164 20.24 36.07 28.46
N GLY C 165 19.08 35.39 28.45
CA GLY C 165 17.83 36.10 28.55
C GLY C 165 17.50 36.99 27.39
N LYS C 166 18.09 36.74 26.22
CA LYS C 166 17.85 37.53 25.02
C LYS C 166 17.39 36.61 23.90
N PHE C 167 16.31 37.01 23.24
CA PHE C 167 15.74 36.19 22.18
C PHE C 167 16.48 36.42 20.87
N TYR C 168 16.84 35.34 20.19
CA TYR C 168 17.45 35.39 18.87
C TYR C 168 16.61 34.58 17.91
N SER C 169 16.13 35.22 16.86
CA SER C 169 15.48 34.49 15.77
C SER C 169 16.55 33.79 14.93
N LEU C 170 16.17 32.68 14.31
CA LEU C 170 17.16 31.94 13.53
C LEU C 170 17.61 32.71 12.30
N SER C 171 16.82 33.68 11.83
CA SER C 171 17.23 34.45 10.65
C SER C 171 18.48 35.27 10.91
N SER C 172 18.81 35.53 12.17
CA SER C 172 20.03 36.26 12.49
C SER C 172 21.24 35.34 12.60
N VAL C 173 21.08 34.04 12.33
CA VAL C 173 22.14 33.05 12.53
C VAL C 173 22.47 32.29 11.25
N TYR C 174 21.47 32.02 10.40
CA TYR C 174 21.66 31.16 9.24
C TYR C 174 21.37 31.91 7.95
N ARG C 175 22.20 31.67 6.94
CA ARG C 175 22.13 32.40 5.69
C ARG C 175 21.05 31.81 4.77
N VAL C 176 20.40 32.69 4.02
CA VAL C 176 19.36 32.31 3.08
C VAL C 176 19.76 32.80 1.70
N TYR C 177 19.76 31.88 0.73
CA TYR C 177 20.10 32.17 -0.65
C TYR C 177 18.86 32.21 -1.52
N ASP C 178 19.00 32.84 -2.68
CA ASP C 178 18.00 32.81 -3.73
C ASP C 178 18.59 32.10 -4.94
N TRP C 179 17.96 31.00 -5.36
CA TRP C 179 18.58 30.14 -6.38
C TRP C 179 18.90 30.93 -7.64
N VAL C 180 18.01 31.81 -8.06
CA VAL C 180 18.21 32.55 -9.31
C VAL C 180 19.11 33.75 -9.09
N ALA C 181 18.79 34.59 -8.11
CA ALA C 181 19.56 35.82 -7.90
C ALA C 181 20.98 35.53 -7.47
N ASP C 182 21.21 34.42 -6.77
CA ASP C 182 22.54 34.09 -6.27
C ASP C 182 23.24 33.04 -7.13
N ASP C 183 22.68 32.73 -8.31
CA ASP C 183 23.31 31.83 -9.28
C ASP C 183 23.55 30.45 -8.68
N GLY C 184 22.51 29.88 -8.10
CA GLY C 184 22.62 28.53 -7.56
C GLY C 184 23.12 27.53 -8.58
N TYR C 185 22.81 27.77 -9.86
CA TYR C 185 23.23 26.87 -10.91
C TYR C 185 24.75 26.67 -10.91
N ASN C 186 25.51 27.73 -10.60
CA ASN C 186 26.96 27.62 -10.54
C ASN C 186 27.54 27.64 -9.14
N LYS C 187 26.81 28.14 -8.14
CA LYS C 187 27.37 28.34 -6.81
C LYS C 187 26.75 27.46 -5.72
N PHE C 188 25.85 26.54 -6.07
CA PHE C 188 25.16 25.75 -5.04
C PHE C 188 26.16 24.92 -4.23
N SER C 189 27.14 24.31 -4.91
CA SER C 189 28.12 23.50 -4.20
C SER C 189 28.93 24.33 -3.21
N SER C 190 29.16 25.61 -3.51
CA SER C 190 29.94 26.46 -2.61
CA SER C 190 29.94 26.46 -2.61
C SER C 190 29.14 26.87 -1.38
N TRP C 191 27.81 26.78 -1.43
CA TRP C 191 27.00 27.13 -0.28
C TRP C 191 27.00 26.01 0.75
N VAL C 192 27.10 24.76 0.31
CA VAL C 192 27.15 23.63 1.22
C VAL C 192 28.57 23.39 1.68
N ASN C 193 29.51 23.31 0.74
CA ASN C 193 30.91 23.07 1.06
C ASN C 193 31.59 24.39 1.44
N MET D 1 -22.46 1.76 8.07
CA MET D 1 -22.27 1.23 9.42
C MET D 1 -22.17 -0.29 9.42
N ASN D 2 -23.01 -0.92 8.58
CA ASN D 2 -23.10 -2.37 8.56
C ASN D 2 -21.83 -3.05 8.09
N SER D 3 -20.81 -2.30 7.67
CA SER D 3 -19.61 -2.90 7.13
C SER D 3 -18.32 -2.44 7.80
N ILE D 4 -18.39 -1.72 8.92
CA ILE D 4 -17.18 -1.17 9.50
C ILE D 4 -16.88 -1.72 10.89
N THR D 5 -17.54 -2.81 11.31
CA THR D 5 -17.27 -3.40 12.63
C THR D 5 -15.79 -3.68 12.83
N HIS D 6 -15.17 -4.38 11.88
CA HIS D 6 -13.76 -4.74 12.01
C HIS D 6 -12.88 -3.50 12.09
N ALA D 7 -13.04 -2.57 11.15
CA ALA D 7 -12.21 -1.36 11.15
C ALA D 7 -12.41 -0.54 12.42
N GLU D 8 -13.67 -0.37 12.83
CA GLU D 8 -13.95 0.42 14.02
C GLU D 8 -13.32 -0.21 15.25
N PHE D 9 -13.33 -1.55 15.33
CA PHE D 9 -12.72 -2.20 16.48
C PHE D 9 -11.21 -2.02 16.48
N GLU D 10 -10.58 -2.11 15.30
CA GLU D 10 -9.13 -1.92 15.24
C GLU D 10 -8.73 -0.53 15.68
N PHE D 11 -9.49 0.50 15.27
CA PHE D 11 -9.18 1.84 15.76
C PHE D 11 -9.44 1.96 17.26
N SER D 12 -10.48 1.27 17.76
CA SER D 12 -10.78 1.35 19.19
C SER D 12 -9.63 0.81 20.04
N LEU D 13 -8.91 -0.20 19.53
CA LEU D 13 -7.75 -0.71 20.24
C LEU D 13 -6.67 0.36 20.41
N LEU D 14 -6.49 1.21 19.39
CA LEU D 14 -5.53 2.30 19.50
C LEU D 14 -6.07 3.40 20.41
N GLU D 15 -7.39 3.65 20.37
CA GLU D 15 -7.98 4.74 21.13
C GLU D 15 -8.06 4.41 22.62
N ASN D 16 -8.25 3.14 22.97
CA ASN D 16 -8.43 2.75 24.38
C ASN D 16 -7.13 2.73 25.19
N VAL D 17 -6.02 3.20 24.64
CA VAL D 17 -4.75 3.20 25.34
C VAL D 17 -4.50 4.59 25.92
N LYS D 18 -3.99 4.65 27.15
CA LYS D 18 -3.58 5.90 27.76
C LYS D 18 -2.15 6.23 27.33
N TYR D 19 -1.97 7.33 26.62
CA TYR D 19 -0.67 7.71 26.10
C TYR D 19 -0.08 8.79 27.00
N GLU D 20 1.12 8.52 27.53
CA GLU D 20 1.75 9.46 28.45
C GLU D 20 2.05 10.79 27.77
N THR D 21 2.48 10.76 26.52
CA THR D 21 2.83 11.95 25.77
C THR D 21 2.14 11.93 24.41
N GLU D 22 1.94 13.12 23.84
CA GLU D 22 1.30 13.19 22.53
C GLU D 22 2.13 12.55 21.45
N ASP D 23 3.46 12.54 21.62
CA ASP D 23 4.36 11.90 20.66
C ASP D 23 4.07 10.41 20.51
N GLU D 24 3.44 9.78 21.51
CA GLU D 24 3.19 8.35 21.48
C GLU D 24 1.89 7.96 20.79
N VAL D 25 1.03 8.91 20.50
CA VAL D 25 -0.26 8.61 19.85
C VAL D 25 -0.02 8.06 18.45
N PRO D 26 -0.58 6.91 18.09
CA PRO D 26 -0.36 6.35 16.75
C PRO D 26 -0.79 7.32 15.65
N ILE D 27 0.05 7.41 14.62
CA ILE D 27 -0.16 8.38 13.54
C ILE D 27 -1.49 8.13 12.82
N VAL D 28 -1.88 6.85 12.65
CA VAL D 28 -3.07 6.57 11.85
C VAL D 28 -4.35 7.16 12.43
N LEU D 29 -4.39 7.41 13.74
CA LEU D 29 -5.61 7.97 14.33
C LEU D 29 -5.98 9.30 13.70
N GLU D 30 -4.99 10.06 13.25
CA GLU D 30 -5.25 11.31 12.55
C GLU D 30 -6.14 11.11 11.33
N TYR D 31 -6.10 9.91 10.73
CA TYR D 31 -6.75 9.64 9.46
C TYR D 31 -7.95 8.71 9.59
N LYS D 32 -8.50 8.56 10.81
CA LYS D 32 -9.57 7.60 11.03
C LYS D 32 -10.78 7.88 10.14
N GLU D 33 -11.25 9.12 10.13
CA GLU D 33 -12.47 9.43 9.37
C GLU D 33 -12.30 9.13 7.89
N GLU D 34 -11.17 9.53 7.31
CA GLU D 34 -10.96 9.34 5.88
C GLU D 34 -10.74 7.88 5.53
N ILE D 35 -10.07 7.12 6.40
CA ILE D 35 -9.87 5.70 6.16
C ILE D 35 -11.20 4.96 6.27
N ILE D 36 -12.00 5.31 7.28
CA ILE D 36 -13.28 4.62 7.48
C ILE D 36 -14.23 4.92 6.32
N ASN D 37 -14.24 6.16 5.82
CA ASN D 37 -15.09 6.48 4.68
C ASN D 37 -14.67 5.72 3.44
N LEU D 38 -13.37 5.49 3.27
CA LEU D 38 -12.91 4.67 2.15
C LEU D 38 -13.35 3.22 2.32
N ILE D 39 -13.22 2.68 3.53
CA ILE D 39 -13.68 1.33 3.80
C ILE D 39 -15.19 1.20 3.53
N LYS D 40 -15.96 2.22 3.93
CA LYS D 40 -17.41 2.18 3.69
C LYS D 40 -17.72 2.10 2.20
N LYS D 41 -17.15 3.01 1.40
CA LYS D 41 -17.42 3.03 -0.02
C LYS D 41 -17.02 1.71 -0.67
N PHE D 42 -15.86 1.18 -0.29
CA PHE D 42 -15.37 -0.08 -0.83
C PHE D 42 -16.31 -1.23 -0.45
N SER D 43 -16.84 -1.21 0.76
CA SER D 43 -17.70 -2.28 1.24
C SER D 43 -19.10 -2.21 0.65
N ASN D 44 -19.47 -1.10 0.03
CA ASN D 44 -20.79 -0.94 -0.57
C ASN D 44 -20.74 -0.96 -2.09
N SER D 45 -19.63 -1.42 -2.67
CA SER D 45 -19.46 -1.45 -4.12
C SER D 45 -19.81 -2.81 -4.73
N GLY D 46 -20.44 -3.70 -3.97
CA GLY D 46 -20.85 -4.98 -4.51
C GLY D 46 -19.74 -5.99 -4.74
N GLN D 47 -18.62 -5.85 -4.04
CA GLN D 47 -17.52 -6.78 -4.20
C GLN D 47 -17.88 -8.17 -3.71
N SER D 48 -17.23 -9.17 -4.29
CA SER D 48 -17.31 -10.55 -3.83
C SER D 48 -16.00 -10.92 -3.13
N GLY D 49 -16.01 -12.09 -2.51
CA GLY D 49 -14.78 -12.61 -1.91
C GLY D 49 -13.64 -12.66 -2.91
N MET D 50 -13.94 -13.06 -4.15
CA MET D 50 -12.87 -13.19 -5.13
C MET D 50 -12.51 -11.84 -5.77
N SER D 51 -13.47 -10.95 -5.94
CA SER D 51 -13.17 -9.66 -6.58
C SER D 51 -12.54 -8.66 -5.62
N ALA D 52 -12.82 -8.76 -4.32
CA ALA D 52 -12.37 -7.71 -3.40
C ALA D 52 -10.86 -7.53 -3.32
N PRO D 53 -10.02 -8.58 -3.25
CA PRO D 53 -8.58 -8.33 -3.12
C PRO D 53 -7.99 -7.65 -4.35
N ILE D 54 -8.58 -7.87 -5.52
CA ILE D 54 -8.15 -7.17 -6.73
C ILE D 54 -8.47 -5.68 -6.61
N THR D 55 -9.74 -5.37 -6.34
CA THR D 55 -10.15 -3.97 -6.21
C THR D 55 -9.37 -3.27 -5.11
N ALA D 56 -9.18 -3.96 -3.98
CA ALA D 56 -8.44 -3.34 -2.87
C ALA D 56 -7.01 -3.02 -3.27
N SER D 57 -6.36 -3.93 -3.99
CA SER D 57 -4.99 -3.70 -4.43
C SER D 57 -4.91 -2.51 -5.40
N ILE D 58 -5.89 -2.40 -6.30
CA ILE D 58 -5.91 -1.26 -7.22
C ILE D 58 -6.06 0.04 -6.45
N ILE D 59 -6.98 0.07 -5.48
CA ILE D 59 -7.20 1.29 -4.68
C ILE D 59 -5.94 1.66 -3.90
N THR D 60 -5.40 0.71 -3.13
CA THR D 60 -4.29 1.04 -2.25
C THR D 60 -3.04 1.37 -3.06
N ASN D 61 -2.86 0.74 -4.23
CA ASN D 61 -1.73 1.11 -5.07
C ASN D 61 -1.89 2.53 -5.61
N CYS D 62 -3.12 2.90 -5.99
CA CYS D 62 -3.41 4.28 -6.37
C CYS D 62 -3.03 5.26 -5.26
N ILE D 63 -3.48 5.00 -4.04
CA ILE D 63 -3.19 5.92 -2.94
C ILE D 63 -1.69 6.04 -2.74
N LYS D 64 -0.98 4.91 -2.76
CA LYS D 64 0.46 4.96 -2.53
C LYS D 64 1.16 5.78 -3.60
N ASN D 65 0.78 5.60 -4.86
CA ASN D 65 1.40 6.37 -5.93
C ASN D 65 1.11 7.86 -5.77
N LEU D 66 -0.16 8.22 -5.56
CA LEU D 66 -0.51 9.63 -5.49
C LEU D 66 0.15 10.32 -4.30
N MET D 67 0.27 9.63 -3.16
CA MET D 67 0.94 10.22 -2.00
C MET D 67 2.42 10.46 -2.25
N ALA D 68 3.04 9.75 -3.20
CA ALA D 68 4.43 9.96 -3.56
C ALA D 68 4.60 10.84 -4.79
N PHE D 69 3.52 11.50 -5.24
CA PHE D 69 3.52 12.28 -6.48
C PHE D 69 3.95 11.43 -7.69
N LYS D 70 3.53 10.16 -7.68
CA LYS D 70 3.72 9.28 -8.81
C LYS D 70 2.44 9.18 -9.62
N PRO D 71 2.51 8.90 -10.91
CA PRO D 71 1.29 8.83 -11.72
C PRO D 71 0.47 7.59 -11.37
N ILE D 72 -0.81 7.64 -11.75
CA ILE D 72 -1.70 6.52 -11.47
C ILE D 72 -1.34 5.33 -12.35
N GLY D 73 -1.13 5.57 -13.64
CA GLY D 73 -0.62 4.58 -14.54
C GLY D 73 0.79 4.96 -14.98
N PRO D 74 1.22 4.45 -16.13
CA PRO D 74 2.59 4.70 -16.58
C PRO D 74 2.75 6.06 -17.25
N LEU D 75 4.00 6.54 -17.25
CA LEU D 75 4.34 7.70 -18.08
C LEU D 75 4.27 7.32 -19.54
N VAL D 76 3.80 8.25 -20.36
CA VAL D 76 3.62 8.06 -21.79
C VAL D 76 4.79 8.68 -22.53
N GLY D 77 5.33 9.77 -22.00
CA GLY D 77 6.46 10.46 -22.59
C GLY D 77 6.14 11.34 -23.77
N ASN D 78 4.86 11.57 -24.06
CA ASN D 78 4.49 12.37 -25.22
C ASN D 78 4.79 13.85 -24.96
N GLU D 79 4.55 14.68 -25.97
CA GLU D 79 5.05 16.05 -25.94
C GLU D 79 4.47 16.84 -24.77
N GLU D 80 3.19 16.65 -24.46
CA GLU D 80 2.55 17.41 -23.40
C GLU D 80 2.98 16.98 -22.00
N GLU D 81 3.72 15.88 -21.87
CA GLU D 81 4.10 15.40 -20.56
C GLU D 81 5.33 16.11 -19.99
N TRP D 82 5.88 17.10 -20.69
CA TRP D 82 7.13 17.72 -20.29
C TRP D 82 6.94 19.21 -20.06
N ASN D 83 7.76 19.75 -19.15
CA ASN D 83 7.82 21.18 -18.87
C ASN D 83 8.98 21.77 -19.67
N TYR D 84 8.67 22.57 -20.68
CA TYR D 84 9.69 23.15 -21.55
C TYR D 84 10.21 24.49 -21.05
N ASN D 85 9.85 24.90 -19.84
CA ASN D 85 10.27 26.21 -19.31
C ASN D 85 11.58 26.07 -18.53
N SER D 86 12.60 25.58 -19.23
CA SER D 86 13.94 25.49 -18.69
C SER D 86 14.92 25.56 -19.85
N ASP D 87 16.18 25.85 -19.53
CA ASP D 87 17.18 26.04 -20.57
C ASP D 87 17.68 24.71 -21.13
N ASP D 88 17.99 23.74 -20.27
CA ASP D 88 18.60 22.48 -20.70
C ASP D 88 17.73 21.28 -20.37
N SER D 89 17.57 20.93 -19.09
CA SER D 89 16.89 19.70 -18.71
C SER D 89 15.38 19.94 -18.63
N PHE D 90 14.62 19.13 -19.35
CA PHE D 90 13.16 19.20 -19.34
C PHE D 90 12.62 18.19 -18.35
N GLN D 91 11.76 18.66 -17.45
CA GLN D 91 11.23 17.88 -16.35
C GLN D 91 9.86 17.32 -16.71
N ASN D 92 9.61 16.08 -16.32
CA ASN D 92 8.32 15.46 -16.59
C ASN D 92 7.26 16.03 -15.66
N ASN D 93 6.07 16.31 -16.22
CA ASN D 93 5.01 16.95 -15.44
C ASN D 93 4.33 15.97 -14.49
N ARG D 94 4.34 14.68 -14.81
CA ARG D 94 3.60 13.70 -14.04
C ARG D 94 4.46 12.92 -13.05
N LEU D 95 5.77 12.88 -13.26
CA LEU D 95 6.71 12.23 -12.34
C LEU D 95 7.94 13.14 -12.35
N SER D 96 7.98 14.09 -11.43
CA SER D 96 8.90 15.23 -11.56
C SER D 96 10.36 14.88 -11.26
N ALA D 97 10.65 13.66 -10.83
CA ALA D 97 12.03 13.20 -10.73
C ALA D 97 12.53 12.59 -12.03
N VAL D 98 11.75 12.68 -13.11
CA VAL D 98 12.16 12.27 -14.45
C VAL D 98 12.53 13.50 -15.25
N PHE D 99 13.71 13.45 -15.89
CA PHE D 99 14.22 14.56 -16.68
C PHE D 99 14.79 14.00 -17.98
N LYS D 100 14.93 14.88 -18.97
CA LYS D 100 15.70 14.55 -20.17
C LYS D 100 16.46 15.79 -20.61
N THR D 101 17.71 15.60 -21.01
CA THR D 101 18.56 16.72 -21.43
C THR D 101 18.41 16.89 -22.94
N GLY D 102 17.67 17.90 -23.33
CA GLY D 102 17.36 18.11 -24.73
C GLY D 102 16.00 17.53 -25.08
N LEU D 103 15.38 18.12 -26.11
CA LEU D 103 14.06 17.67 -26.54
C LEU D 103 14.06 16.18 -26.87
N ASN D 104 15.13 15.69 -27.50
CA ASN D 104 15.25 14.29 -27.85
C ASN D 104 16.27 13.55 -26.98
N GLY D 105 16.52 14.04 -25.78
CA GLY D 105 17.43 13.36 -24.89
C GLY D 105 16.83 12.10 -24.31
N LYS D 106 17.69 11.25 -23.76
CA LYS D 106 17.22 10.01 -23.17
C LYS D 106 16.77 10.29 -21.74
N PRO D 107 15.52 10.00 -21.39
CA PRO D 107 15.03 10.35 -20.07
C PRO D 107 15.66 9.49 -18.98
N TYR D 108 15.84 10.10 -17.82
CA TYR D 108 16.38 9.41 -16.65
C TYR D 108 15.56 9.76 -15.42
N TYR D 109 15.73 8.96 -14.36
CA TYR D 109 14.90 8.98 -13.16
C TYR D 109 15.80 9.17 -11.96
N LEU D 110 15.58 10.24 -11.19
CA LEU D 110 16.47 10.55 -10.07
C LEU D 110 16.38 9.51 -8.96
N ASP D 111 15.25 8.82 -8.84
CA ASP D 111 14.97 7.95 -7.70
C ASP D 111 15.11 6.46 -8.02
N ALA D 112 15.83 6.11 -9.09
CA ALA D 112 15.93 4.72 -9.50
C ALA D 112 16.54 3.85 -8.41
N ILE D 113 17.53 4.37 -7.70
CA ILE D 113 18.26 3.59 -6.69
C ILE D 113 18.39 4.41 -5.42
N THR D 114 17.97 3.84 -4.30
CA THR D 114 18.35 4.32 -2.97
C THR D 114 19.38 3.36 -2.40
N PHE D 115 20.48 3.91 -1.86
CA PHE D 115 21.51 3.08 -1.28
C PHE D 115 21.26 2.85 0.21
N VAL D 116 21.52 1.63 0.67
CA VAL D 116 21.15 1.18 2.01
C VAL D 116 22.40 0.64 2.69
N GLY D 117 22.94 1.40 3.65
CA GLY D 117 24.12 0.97 4.36
C GLY D 117 23.86 -0.12 5.36
N GLU D 118 24.94 -0.61 5.96
CA GLU D 118 24.83 -1.69 6.94
C GLU D 118 24.29 -1.18 8.28
N GLU D 119 24.50 0.09 8.59
CA GLU D 119 24.01 0.65 9.84
C GLU D 119 22.62 1.22 9.65
N GLU D 120 21.77 1.05 10.67
CA GLU D 120 20.43 1.63 10.64
C GLU D 120 20.49 3.12 10.36
N TYR D 121 19.57 3.57 9.50
CA TYR D 121 19.34 4.95 9.06
C TYR D 121 20.35 5.43 8.03
N ASP D 122 21.33 4.62 7.63
CA ASP D 122 22.34 5.05 6.66
C ASP D 122 21.83 4.78 5.25
N THR D 123 20.83 5.56 4.85
CA THR D 123 20.17 5.40 3.56
C THR D 123 20.26 6.72 2.81
N PHE D 124 20.62 6.67 1.52
CA PHE D 124 20.97 7.90 0.86
C PHE D 124 20.87 7.77 -0.66
N HIS D 125 20.78 8.93 -1.31
CA HIS D 125 21.00 9.06 -2.74
C HIS D 125 22.43 9.51 -2.99
N GLY D 126 23.05 8.99 -4.04
CA GLY D 126 24.43 9.36 -4.33
C GLY D 126 25.00 8.53 -5.46
N HIS D 127 26.33 8.33 -5.39
CA HIS D 127 27.10 7.54 -6.34
C HIS D 127 27.91 6.53 -5.55
N VAL D 128 27.82 5.25 -5.90
CA VAL D 128 28.66 4.23 -5.27
C VAL D 128 29.28 3.39 -6.36
N GLU D 129 30.61 3.41 -6.46
CA GLU D 129 31.37 2.59 -7.40
C GLU D 129 30.81 2.71 -8.82
N GLY D 130 30.60 3.95 -9.26
CA GLY D 130 30.08 4.19 -10.59
C GLY D 130 28.61 3.90 -10.79
N ILE D 131 27.87 3.60 -9.72
CA ILE D 131 26.43 3.39 -9.79
C ILE D 131 25.77 4.62 -9.19
N SER D 132 25.03 5.37 -10.01
CA SER D 132 24.36 6.55 -9.53
C SER D 132 22.91 6.24 -9.13
N SER D 133 22.35 7.11 -8.28
CA SER D 133 20.95 6.96 -7.93
C SER D 133 20.06 7.18 -9.16
N ARG D 134 20.46 8.10 -10.04
CA ARG D 134 19.70 8.32 -11.27
C ARG D 134 20.10 7.31 -12.34
N GLN D 135 19.11 6.78 -13.03
CA GLN D 135 19.35 5.81 -14.10
C GLN D 135 18.42 6.11 -15.27
N TYR D 136 18.81 5.64 -16.45
CA TYR D 136 18.07 5.90 -17.67
C TYR D 136 16.82 5.02 -17.78
N LEU D 137 15.73 5.62 -18.26
CA LEU D 137 14.56 4.84 -18.66
C LEU D 137 14.89 3.99 -19.87
N LYS D 138 14.35 2.77 -19.91
CA LYS D 138 14.47 1.97 -21.12
C LYS D 138 13.54 2.47 -22.21
N GLY D 139 12.53 3.23 -21.86
CA GLY D 139 11.57 3.74 -22.81
C GLY D 139 10.22 3.90 -22.15
N PHE D 140 9.22 4.14 -23.00
CA PHE D 140 7.84 4.35 -22.57
C PHE D 140 6.94 3.28 -23.18
N PRO D 141 5.85 2.87 -22.50
CA PRO D 141 5.34 3.35 -21.20
C PRO D 141 6.29 3.02 -20.04
N PHE D 142 6.43 3.91 -19.06
CA PHE D 142 7.38 3.72 -17.96
C PHE D 142 6.61 3.60 -16.66
N PHE D 143 6.85 2.49 -15.94
CA PHE D 143 6.32 2.29 -14.60
C PHE D 143 7.45 2.53 -13.62
N PRO D 144 7.38 3.54 -12.75
CA PRO D 144 8.51 3.82 -11.86
C PRO D 144 8.71 2.72 -10.82
N LYS D 145 9.98 2.38 -10.58
CA LYS D 145 10.36 1.47 -9.52
C LYS D 145 11.64 1.97 -8.88
N THR D 146 11.71 1.92 -7.56
CA THR D 146 12.92 2.25 -6.83
C THR D 146 13.57 0.95 -6.36
N PHE D 147 14.86 0.80 -6.63
CA PHE D 147 15.62 -0.35 -6.14
C PHE D 147 16.46 0.05 -4.94
N TYR D 148 16.47 -0.81 -3.93
CA TYR D 148 17.24 -0.58 -2.71
C TYR D 148 18.48 -1.45 -2.76
N ILE D 149 19.63 -0.80 -2.92
CA ILE D 149 20.91 -1.46 -3.18
C ILE D 149 21.74 -1.38 -1.91
N ASN D 150 22.09 -2.55 -1.36
CA ASN D 150 22.88 -2.59 -0.14
C ASN D 150 24.31 -2.18 -0.42
N VAL D 151 24.90 -1.44 0.52
CA VAL D 151 26.29 -1.01 0.44
C VAL D 151 26.97 -1.28 1.77
N TYR D 152 28.30 -1.27 1.75
CA TYR D 152 29.10 -1.34 2.97
C TYR D 152 30.23 -0.34 2.87
N LYS D 153 30.85 -0.04 4.01
CA LYS D 153 31.94 0.92 4.08
C LYS D 153 33.26 0.16 4.08
N ASP D 154 34.13 0.50 3.12
CA ASP D 154 35.43 -0.13 2.99
C ASP D 154 36.48 0.79 3.61
N PHE D 155 37.00 0.39 4.77
CA PHE D 155 38.04 1.17 5.42
C PHE D 155 39.44 0.76 5.01
N GLU D 156 39.65 -0.54 4.76
CA GLU D 156 41.00 -1.03 4.47
C GLU D 156 41.46 -0.63 3.08
N ASN D 157 40.67 -0.94 2.05
CA ASN D 157 41.04 -0.66 0.67
C ASN D 157 40.28 0.57 0.14
N LYS D 158 40.53 1.70 0.78
CA LYS D 158 39.88 2.94 0.37
C LYS D 158 40.48 3.44 -0.94
N ASP D 159 39.72 4.31 -1.62
CA ASP D 159 40.14 4.92 -2.87
C ASP D 159 40.01 6.42 -2.68
N GLU D 160 41.14 7.14 -2.76
CA GLU D 160 41.17 8.57 -2.47
C GLU D 160 40.36 9.38 -3.49
N ASN D 161 40.01 8.78 -4.64
CA ASN D 161 39.23 9.51 -5.63
C ASN D 161 37.77 9.68 -5.22
N ASN D 162 37.31 8.98 -4.18
CA ASN D 162 35.94 9.15 -3.70
C ASN D 162 35.88 8.59 -2.27
N LEU D 163 36.23 9.45 -1.31
CA LEU D 163 36.22 9.09 0.10
C LEU D 163 35.05 9.75 0.81
N CYS D 164 34.65 9.16 1.93
CA CYS D 164 33.67 9.72 2.84
C CYS D 164 34.28 9.82 4.24
N SER D 165 33.66 10.65 5.06
CA SER D 165 34.12 10.91 6.42
C SER D 165 33.04 10.54 7.43
N GLY D 166 33.48 10.24 8.64
CA GLY D 166 32.56 9.97 9.73
C GLY D 166 33.32 9.81 11.02
N ASP D 167 32.57 9.46 12.07
CA ASP D 167 33.17 9.23 13.39
C ASP D 167 34.08 8.01 13.42
N ASP D 168 34.10 7.20 12.37
CA ASP D 168 34.95 6.02 12.31
C ASP D 168 36.09 6.16 11.32
N GLY D 169 36.32 7.36 10.80
CA GLY D 169 37.43 7.59 9.90
C GLY D 169 37.00 7.70 8.45
N GLU D 170 37.97 7.46 7.56
CA GLU D 170 37.77 7.58 6.13
C GLU D 170 37.49 6.21 5.52
N TYR D 171 36.59 6.19 4.54
CA TYR D 171 36.15 4.96 3.89
C TYR D 171 35.59 5.32 2.53
N THR D 172 35.33 4.30 1.71
CA THR D 172 34.56 4.47 0.50
C THR D 172 33.46 3.42 0.45
N TYR D 173 32.28 3.84 0.03
CA TYR D 173 31.16 2.93 -0.09
C TYR D 173 31.38 1.94 -1.23
N ARG D 174 30.96 0.69 -1.01
CA ARG D 174 31.06 -0.36 -2.00
C ARG D 174 29.72 -1.06 -2.15
N ILE D 175 29.42 -1.50 -3.38
CA ILE D 175 28.24 -2.32 -3.62
C ILE D 175 28.41 -3.66 -2.93
N LYS D 176 27.45 -4.01 -2.05
CA LYS D 176 27.63 -5.22 -1.24
C LYS D 176 27.25 -6.49 -1.99
N TYR D 177 26.13 -6.48 -2.72
CA TYR D 177 25.64 -7.64 -3.45
C TYR D 177 25.54 -7.27 -4.93
N PRO D 178 26.62 -7.42 -5.69
CA PRO D 178 26.60 -7.05 -7.11
C PRO D 178 25.44 -7.64 -7.89
N GLU D 179 24.92 -8.81 -7.48
CA GLU D 179 23.80 -9.40 -8.19
C GLU D 179 22.55 -8.53 -8.11
N GLN D 180 22.43 -7.69 -7.09
CA GLN D 180 21.29 -6.78 -7.02
C GLN D 180 21.27 -5.83 -8.20
N LEU D 181 22.44 -5.53 -8.77
CA LEU D 181 22.49 -4.60 -9.91
C LEU D 181 21.91 -5.22 -11.17
N GLU D 182 21.92 -6.56 -11.27
CA GLU D 182 21.37 -7.18 -12.47
C GLU D 182 19.86 -6.95 -12.57
N GLU D 183 19.17 -6.98 -11.42
CA GLU D 183 17.74 -6.65 -11.43
C GLU D 183 17.52 -5.19 -11.84
N VAL D 184 18.37 -4.28 -11.37
CA VAL D 184 18.23 -2.87 -11.72
C VAL D 184 18.30 -2.68 -13.22
N PHE D 185 19.28 -3.32 -13.86
CA PHE D 185 19.53 -3.07 -15.27
C PHE D 185 18.75 -4.02 -16.18
N ASN D 186 17.90 -4.88 -15.62
CA ASN D 186 16.77 -5.41 -16.38
C ASN D 186 15.63 -4.41 -16.44
N TYR D 187 15.62 -3.42 -15.55
CA TYR D 187 14.57 -2.41 -15.47
C TYR D 187 14.98 -1.07 -16.06
N TYR D 188 16.21 -0.64 -15.80
CA TYR D 188 16.76 0.61 -16.30
C TYR D 188 17.96 0.35 -17.20
N ASP D 189 18.37 1.38 -17.93
CA ASP D 189 19.65 1.38 -18.63
C ASP D 189 20.66 2.19 -17.84
N LYS D 190 21.91 1.73 -17.82
CA LYS D 190 22.91 2.31 -16.93
C LYS D 190 23.29 3.72 -17.36
N PHE D 191 23.28 4.63 -16.39
CA PHE D 191 23.63 6.03 -16.56
C PHE D 191 25.12 6.22 -16.25
N THR D 192 25.88 6.72 -17.21
CA THR D 192 27.30 6.96 -16.98
C THR D 192 27.69 8.41 -17.24
#